data_3LAM
#
_entry.id   3LAM
#
_cell.length_a   119.641
_cell.length_b   154.473
_cell.length_c   153.812
_cell.angle_alpha   90.00
_cell.angle_beta   90.00
_cell.angle_gamma   90.00
#
_symmetry.space_group_name_H-M   'C 2 2 21'
#
loop_
_entity.id
_entity.type
_entity.pdbx_description
1 polymer 'HIV Reverse transcriptase'
2 non-polymer 3-methyl-5-{[5-(1-methylethyl)-2,6-dioxo-3-propyl-1,2,3,6-tetrahydropyrimidin-4-yl]carbonyl}benzonitrile
3 non-polymer 'SULFATE ION'
4 water water
#
_entity_poly.entity_id   1
_entity_poly.type   'polypeptide(L)'
_entity_poly.pdbx_seq_one_letter_code
;PISPIETVPVKLKPGMDGPKVKQWPLTEEKIKALVEICTEMEKEGKISKIGPENPYNTPVFAIKKKDSTKWRKLVDFREL
NKRTQDFWEVQLGIPHPAGLKKKKSVTVLDVGDAYFSVPLDEDFRKYTAFTIPSINNETPGIRYQYNVLPQGWKGSPAIF
QSSMTKILEPFRKQNPDIVIYQYMDDLYVGSDLEIGQHRTKIEELRQHLLRWGLTTPDKKHQKEPPFLWMGYELHPDKWT
VQPIVLPEKDSWTVNDIQKLVGKLNWASQIYPGIKVRQLCKLLRGTKALTEVIPLTEEAELELAENREILKEPVHGVYYD
PSKDLIAEIQKQGQGQWTYQIYQEPFKNLKTGKYARMRGAHTNDVKQLTEAVQKITTESIVIWGKTPKFKLPIQKETWET
WWTEYWQATWIPEWEFVNTPPLVKLWYQLEKEPIVGAETFYVDGAANRETKLGKAGYVTNRGRQKVVTLTDTTNQKTELQ
AIYLALQDSGLEVNIVTDSQYALGIIQAQPDQSESELVNQIIEQLIKKEKVYLAWVPAHKGIGGNEQVDKLVSAGIRKVL
;
_entity_poly.pdbx_strand_id   A,B
#
loop_
_chem_comp.id
_chem_comp.type
_chem_comp.name
_chem_comp.formula
KRP non-polymer 3-methyl-5-{[5-(1-methylethyl)-2,6-dioxo-3-propyl-1,2,3,6-tetrahydropyrimidin-4-yl]carbonyl}benzonitrile 'C19 H21 N3 O3'
SO4 non-polymer 'SULFATE ION' 'O4 S -2'
#
# COMPACT_ATOMS: atom_id res chain seq x y z
N PRO A 1 16.49 -40.97 3.25
CA PRO A 1 17.89 -40.51 3.36
C PRO A 1 17.97 -39.17 4.07
N ILE A 2 19.16 -38.58 4.05
CA ILE A 2 19.41 -37.28 4.64
C ILE A 2 20.25 -36.47 3.67
N SER A 3 19.58 -35.74 2.79
CA SER A 3 20.21 -34.94 1.75
C SER A 3 21.62 -34.48 2.09
N PRO A 4 22.50 -34.57 1.10
CA PRO A 4 23.87 -34.02 1.07
C PRO A 4 23.98 -32.50 1.09
N ILE A 5 22.90 -31.80 0.72
CA ILE A 5 22.93 -30.35 0.57
C ILE A 5 23.48 -29.61 1.78
N GLU A 6 24.24 -28.54 1.51
CA GLU A 6 24.78 -27.73 2.58
C GLU A 6 23.67 -27.41 3.57
N THR A 7 24.05 -27.08 4.80
CA THR A 7 23.07 -26.70 5.80
C THR A 7 22.84 -25.21 5.78
N VAL A 8 21.74 -24.81 6.41
CA VAL A 8 21.45 -23.40 6.60
C VAL A 8 21.81 -22.99 8.02
N PRO A 9 22.73 -22.05 8.16
CA PRO A 9 23.19 -21.59 9.48
C PRO A 9 22.06 -20.97 10.29
N VAL A 10 21.89 -21.44 11.51
CA VAL A 10 20.83 -20.96 12.36
C VAL A 10 21.44 -20.29 13.58
N LYS A 11 20.77 -19.28 14.11
CA LYS A 11 21.17 -18.68 15.38
C LYS A 11 19.98 -18.69 16.33
N LEU A 12 20.23 -18.36 17.58
CA LEU A 12 19.15 -18.01 18.50
C LEU A 12 19.12 -16.49 18.58
N LYS A 13 18.04 -15.93 19.10
CA LYS A 13 17.96 -14.46 19.22
C LYS A 13 19.11 -13.92 20.08
N PRO A 14 19.58 -12.70 19.78
CA PRO A 14 20.90 -12.18 20.17
C PRO A 14 21.22 -12.10 21.68
N GLY A 15 20.21 -11.80 22.50
CA GLY A 15 20.44 -11.70 23.93
C GLY A 15 20.10 -12.99 24.68
N MET A 16 19.93 -14.07 23.91
CA MET A 16 19.27 -15.25 24.42
C MET A 16 20.15 -16.48 24.40
N ASP A 17 19.84 -17.42 25.30
CA ASP A 17 20.50 -18.72 25.32
C ASP A 17 19.45 -19.81 25.12
N GLY A 18 19.89 -20.98 24.69
CA GLY A 18 18.96 -22.05 24.34
C GLY A 18 18.13 -22.59 25.48
N PRO A 19 17.13 -23.43 25.19
CA PRO A 19 16.15 -23.87 26.19
C PRO A 19 16.76 -24.77 27.27
N LYS A 20 16.06 -24.87 28.39
CA LYS A 20 16.44 -25.74 29.50
C LYS A 20 15.23 -26.25 30.29
N VAL A 21 14.09 -26.37 29.61
CA VAL A 21 12.89 -26.91 30.24
C VAL A 21 13.20 -28.26 30.91
N LYS A 22 12.51 -28.51 32.01
CA LYS A 22 12.67 -29.75 32.76
C LYS A 22 11.76 -30.82 32.16
N GLN A 23 12.26 -32.06 32.11
CA GLN A 23 11.46 -33.19 31.64
C GLN A 23 10.42 -33.65 32.68
N TRP A 24 9.15 -33.63 32.29
CA TRP A 24 8.09 -34.19 33.11
C TRP A 24 8.22 -35.72 33.11
N PRO A 25 8.18 -36.33 34.30
CA PRO A 25 8.24 -37.79 34.38
C PRO A 25 7.09 -38.47 33.63
N LEU A 26 7.41 -39.48 32.83
CA LEU A 26 6.44 -40.12 31.95
C LEU A 26 6.14 -41.56 32.39
N THR A 27 4.90 -42.01 32.20
CA THR A 27 4.52 -43.39 32.50
C THR A 27 5.46 -44.39 31.81
N GLU A 28 5.23 -45.67 32.04
CA GLU A 28 6.16 -46.68 31.53
C GLU A 28 5.97 -46.99 30.05
N GLU A 29 4.72 -47.09 29.62
CA GLU A 29 4.40 -47.35 28.21
C GLU A 29 4.89 -46.24 27.30
N LYS A 30 4.93 -45.01 27.83
CA LYS A 30 5.38 -43.85 27.08
C LYS A 30 6.90 -43.86 26.95
N ILE A 31 7.57 -44.22 28.05
CA ILE A 31 9.02 -44.40 28.04
C ILE A 31 9.41 -45.51 27.07
N LYS A 32 8.65 -46.59 27.06
CA LYS A 32 8.92 -47.70 26.15
C LYS A 32 8.72 -47.23 24.72
N ALA A 33 7.62 -46.53 24.48
CA ALA A 33 7.35 -45.96 23.17
C ALA A 33 8.52 -45.09 22.66
N LEU A 34 8.91 -44.10 23.44
CA LEU A 34 9.95 -43.18 23.04
C LEU A 34 11.25 -43.88 22.73
N VAL A 35 11.58 -44.91 23.51
CA VAL A 35 12.77 -45.70 23.24
C VAL A 35 12.66 -46.38 21.88
N GLU A 36 11.49 -46.95 21.60
CA GLU A 36 11.25 -47.67 20.36
C GLU A 36 11.33 -46.76 19.15
N ILE A 37 10.80 -45.55 19.26
CA ILE A 37 11.00 -44.51 18.25
C ILE A 37 12.46 -44.04 18.09
N CYS A 38 13.08 -43.65 19.19
CA CYS A 38 14.36 -42.96 19.12
C CYS A 38 15.51 -43.85 18.68
N THR A 39 15.37 -45.15 18.89
CA THR A 39 16.39 -46.09 18.43
C THR A 39 16.20 -46.29 16.94
N GLU A 40 14.96 -46.39 16.51
CA GLU A 40 14.68 -46.48 15.10
C GLU A 40 15.10 -45.20 14.37
N MET A 41 15.07 -44.07 15.06
CA MET A 41 15.47 -42.78 14.48
C MET A 41 16.99 -42.63 14.35
N GLU A 42 17.73 -43.11 15.33
CA GLU A 42 19.17 -42.95 15.30
C GLU A 42 19.79 -43.99 14.38
N LYS A 43 19.01 -45.02 14.06
CA LYS A 43 19.38 -45.94 13.00
C LYS A 43 19.32 -45.20 11.67
N GLU A 44 18.23 -44.46 11.46
CA GLU A 44 18.00 -43.70 10.24
C GLU A 44 18.97 -42.53 10.11
N GLY A 45 19.57 -42.13 11.23
CA GLY A 45 20.55 -41.06 11.22
C GLY A 45 19.96 -39.73 11.67
N LYS A 46 18.71 -39.76 12.09
CA LYS A 46 17.93 -38.54 12.31
C LYS A 46 18.35 -37.87 13.62
N ILE A 47 18.74 -38.70 14.59
CA ILE A 47 19.21 -38.17 15.87
C ILE A 47 20.43 -38.92 16.39
N SER A 48 20.92 -38.49 17.55
CA SER A 48 22.14 -39.03 18.13
C SER A 48 22.17 -38.93 19.67
N LYS A 49 22.60 -40.00 20.32
CA LYS A 49 22.89 -39.96 21.74
C LYS A 49 23.99 -38.94 21.98
N ILE A 50 23.76 -38.07 22.96
CA ILE A 50 24.82 -37.22 23.50
C ILE A 50 25.08 -37.61 24.96
N GLY A 51 26.02 -36.92 25.59
CA GLY A 51 26.13 -36.99 27.04
C GLY A 51 26.34 -35.60 27.60
N PRO A 52 25.61 -35.23 28.69
CA PRO A 52 25.89 -33.90 29.27
C PRO A 52 27.37 -33.75 29.59
N GLU A 53 28.05 -32.88 28.84
CA GLU A 53 28.03 -31.44 29.11
C GLU A 53 26.73 -30.71 28.72
N ASN A 54 26.03 -31.22 27.70
CA ASN A 54 24.94 -30.47 27.09
C ASN A 54 23.82 -30.11 28.06
N PRO A 55 23.76 -28.83 28.46
CA PRO A 55 22.83 -28.25 29.45
C PRO A 55 21.41 -28.04 28.93
N TYR A 56 21.17 -28.34 27.66
CA TYR A 56 19.90 -27.98 27.06
C TYR A 56 18.87 -29.07 27.20
N ASN A 57 17.60 -28.67 27.19
CA ASN A 57 16.54 -29.64 27.17
C ASN A 57 15.21 -29.09 26.63
N THR A 58 14.59 -29.86 25.75
CA THR A 58 13.22 -29.62 25.39
C THR A 58 12.43 -30.89 25.76
N PRO A 59 11.27 -30.73 26.41
CA PRO A 59 10.48 -31.87 26.88
C PRO A 59 9.95 -32.78 25.77
N VAL A 60 9.78 -34.05 26.09
CA VAL A 60 9.33 -35.04 25.09
C VAL A 60 7.98 -35.62 25.48
N PHE A 61 7.32 -36.26 24.52
CA PHE A 61 6.00 -36.79 24.79
C PHE A 61 5.59 -37.81 23.74
N ALA A 62 4.79 -38.79 24.14
CA ALA A 62 4.30 -39.79 23.22
C ALA A 62 2.79 -39.81 23.23
N ILE A 63 2.17 -39.90 22.05
CA ILE A 63 0.72 -39.92 21.97
C ILE A 63 0.21 -41.09 21.14
N LYS A 64 -0.99 -41.55 21.49
CA LYS A 64 -1.62 -42.67 20.78
C LYS A 64 -2.40 -42.22 19.53
N LYS A 65 -2.02 -42.76 18.38
CA LYS A 65 -2.63 -42.42 17.11
C LYS A 65 -3.87 -43.28 16.83
N LYS A 66 -5.03 -42.63 16.82
CA LYS A 66 -5.66 -42.11 18.02
C LYS A 66 -6.97 -42.88 18.18
N ASP A 67 -7.08 -43.99 17.44
CA ASP A 67 -7.81 -45.17 17.89
C ASP A 67 -6.94 -46.40 17.57
N SER A 68 -6.04 -46.24 16.59
CA SER A 68 -5.04 -47.29 16.27
C SER A 68 -4.19 -47.63 17.49
N THR A 69 -3.23 -48.53 17.31
CA THR A 69 -2.33 -48.89 18.41
C THR A 69 -0.88 -48.49 18.15
N LYS A 70 -0.70 -47.55 17.22
CA LYS A 70 0.59 -46.95 16.98
C LYS A 70 0.81 -45.74 17.89
N TRP A 71 2.06 -45.44 18.19
CA TRP A 71 2.43 -44.26 18.99
C TRP A 71 3.08 -43.20 18.10
N ARG A 72 3.27 -42.00 18.64
CA ARG A 72 4.03 -40.96 17.94
C ARG A 72 4.76 -40.02 18.90
N LYS A 73 5.93 -39.54 18.46
CA LYS A 73 6.73 -38.64 19.28
C LYS A 73 6.42 -37.17 19.04
N LEU A 74 5.81 -36.54 20.05
CA LEU A 74 5.65 -35.09 20.07
C LEU A 74 6.74 -34.41 20.90
N VAL A 75 7.42 -33.45 20.29
CA VAL A 75 8.31 -32.59 21.05
C VAL A 75 7.68 -31.20 21.23
N ASP A 76 7.85 -30.64 22.42
CA ASP A 76 7.33 -29.32 22.69
C ASP A 76 8.43 -28.29 22.52
N PHE A 77 8.59 -27.82 21.29
CA PHE A 77 9.63 -26.84 20.98
C PHE A 77 9.24 -25.42 21.38
N ARG A 78 8.00 -25.29 21.84
CA ARG A 78 7.51 -24.07 22.46
C ARG A 78 8.63 -23.08 22.85
N GLU A 79 9.62 -23.55 23.61
CA GLU A 79 10.64 -22.66 24.15
C GLU A 79 11.84 -22.43 23.25
N LEU A 80 12.28 -23.46 22.55
CA LEU A 80 13.41 -23.30 21.63
C LEU A 80 12.92 -22.42 20.49
N ASN A 81 11.64 -22.56 20.18
CA ASN A 81 11.02 -21.66 19.23
C ASN A 81 11.26 -20.23 19.70
N LYS A 82 10.57 -19.83 20.76
CA LYS A 82 10.77 -18.49 21.32
C LYS A 82 12.22 -18.00 21.23
N ARG A 83 13.19 -18.88 21.43
CA ARG A 83 14.58 -18.43 21.53
C ARG A 83 15.32 -18.49 20.21
N THR A 84 14.64 -18.93 19.15
CA THR A 84 15.25 -19.01 17.81
C THR A 84 15.01 -17.74 16.99
N GLN A 85 15.98 -17.40 16.14
CA GLN A 85 15.87 -16.29 15.21
C GLN A 85 14.58 -16.36 14.39
N ASP A 86 14.12 -15.21 13.91
CA ASP A 86 13.04 -15.17 12.91
C ASP A 86 13.63 -15.59 11.56
N PHE A 87 12.82 -16.25 10.73
CA PHE A 87 13.24 -16.56 9.37
C PHE A 87 12.45 -15.75 8.36
N TRP A 88 12.79 -15.88 7.08
CA TRP A 88 11.96 -15.31 6.05
C TRP A 88 10.69 -16.13 5.89
N GLU A 89 9.66 -15.52 5.34
CA GLU A 89 8.41 -16.25 5.10
C GLU A 89 8.63 -17.42 4.17
N VAL A 90 8.14 -18.59 4.59
CA VAL A 90 8.24 -19.80 3.79
C VAL A 90 7.55 -19.65 2.44
N GLN A 91 6.43 -18.92 2.41
CA GLN A 91 5.80 -18.55 1.15
C GLN A 91 4.64 -17.58 1.42
N LEU A 92 4.70 -16.40 0.80
CA LEU A 92 3.66 -15.39 0.98
C LEU A 92 2.75 -15.29 -0.25
N GLY A 93 1.51 -15.74 -0.08
CA GLY A 93 0.60 -15.91 -1.22
C GLY A 93 0.63 -17.32 -1.78
N ILE A 94 -0.52 -17.84 -2.21
CA ILE A 94 -0.54 -19.11 -2.92
C ILE A 94 -1.15 -18.95 -4.30
N PRO A 95 -0.72 -19.77 -5.27
CA PRO A 95 -1.13 -19.57 -6.66
C PRO A 95 -2.64 -19.61 -6.75
N HIS A 96 -3.25 -18.68 -7.49
CA HIS A 96 -4.64 -18.87 -7.88
C HIS A 96 -4.71 -19.70 -9.16
N PRO A 97 -5.63 -20.67 -9.19
CA PRO A 97 -5.77 -21.54 -10.37
C PRO A 97 -5.83 -20.76 -11.67
N ALA A 98 -6.74 -19.78 -11.71
CA ALA A 98 -6.96 -18.95 -12.89
C ALA A 98 -5.66 -18.34 -13.45
N GLY A 99 -4.59 -18.45 -12.67
CA GLY A 99 -3.29 -17.99 -13.14
C GLY A 99 -2.52 -19.06 -13.90
N LEU A 100 -3.00 -20.29 -13.88
CA LEU A 100 -2.25 -21.39 -14.47
C LEU A 100 -2.40 -21.45 -15.98
N LYS A 101 -1.28 -21.67 -16.67
CA LYS A 101 -1.32 -22.01 -18.09
C LYS A 101 -1.65 -23.48 -18.25
N LYS A 102 -2.57 -23.78 -19.17
CA LYS A 102 -2.89 -25.15 -19.57
C LYS A 102 -1.61 -25.90 -19.95
N LYS A 103 -1.55 -27.17 -19.60
CA LYS A 103 -0.37 -28.00 -19.85
C LYS A 103 -0.71 -29.33 -20.51
N LYS A 104 0.12 -29.77 -21.45
CA LYS A 104 0.00 -31.09 -22.05
C LYS A 104 0.22 -32.21 -21.03
N SER A 105 1.16 -32.02 -20.12
CA SER A 105 1.59 -33.10 -19.22
C SER A 105 1.68 -32.65 -17.77
N VAL A 106 1.02 -33.41 -16.88
CA VAL A 106 1.03 -33.10 -15.44
C VAL A 106 1.37 -34.33 -14.60
N THR A 107 2.31 -34.16 -13.67
CA THR A 107 2.60 -35.21 -12.69
C THR A 107 2.81 -34.62 -11.30
N VAL A 108 2.15 -35.18 -10.30
CA VAL A 108 2.36 -34.73 -8.94
C VAL A 108 3.41 -35.59 -8.23
N LEU A 109 4.37 -34.91 -7.60
CA LEU A 109 5.45 -35.58 -6.89
C LEU A 109 5.47 -35.19 -5.42
N ASP A 110 5.67 -36.19 -4.56
CA ASP A 110 5.47 -36.03 -3.13
C ASP A 110 6.66 -36.50 -2.29
N VAL A 111 7.44 -35.54 -1.79
CA VAL A 111 8.57 -35.84 -0.94
C VAL A 111 8.17 -36.65 0.29
N GLY A 112 9.03 -37.58 0.70
CA GLY A 112 8.74 -38.41 1.86
C GLY A 112 9.62 -38.04 3.03
N ASP A 113 9.08 -38.11 4.23
CA ASP A 113 9.78 -37.72 5.46
C ASP A 113 10.57 -36.42 5.29
N ALA A 114 9.98 -35.47 4.57
CA ALA A 114 10.67 -34.29 4.05
C ALA A 114 11.58 -33.56 5.04
N TYR A 115 11.07 -33.23 6.22
CA TYR A 115 11.85 -32.49 7.22
C TYR A 115 13.03 -33.30 7.73
N PHE A 116 12.82 -34.61 7.86
CA PHE A 116 13.84 -35.50 8.40
C PHE A 116 14.89 -35.86 7.34
N SER A 117 14.56 -35.54 6.09
CA SER A 117 15.51 -35.70 4.99
C SER A 117 16.43 -34.50 4.78
N VAL A 118 16.41 -33.53 5.68
CA VAL A 118 17.22 -32.33 5.51
C VAL A 118 18.03 -32.06 6.78
N PRO A 119 19.35 -31.96 6.64
CA PRO A 119 20.26 -31.65 7.75
C PRO A 119 19.95 -30.35 8.47
N LEU A 120 20.24 -30.37 9.77
CA LEU A 120 20.10 -29.23 10.67
C LEU A 120 21.49 -28.61 10.81
N ASP A 121 21.56 -27.30 10.98
CA ASP A 121 22.87 -26.65 11.18
C ASP A 121 23.62 -27.35 12.29
N GLU A 122 24.75 -27.94 11.95
CA GLU A 122 25.53 -28.72 12.92
C GLU A 122 25.75 -27.91 14.19
N ASP A 123 26.04 -26.63 14.03
CA ASP A 123 26.31 -25.77 15.17
C ASP A 123 25.06 -25.57 16.03
N PHE A 124 23.92 -25.98 15.50
CA PHE A 124 22.65 -25.69 16.16
C PHE A 124 22.06 -26.92 16.84
N ARG A 125 22.53 -28.11 16.45
CA ARG A 125 21.90 -29.34 16.92
C ARG A 125 21.86 -29.44 18.44
N LYS A 126 22.89 -28.89 19.09
CA LYS A 126 23.01 -28.90 20.53
C LYS A 126 21.78 -28.36 21.28
N TYR A 127 21.01 -27.48 20.64
CA TYR A 127 19.88 -26.85 21.30
C TYR A 127 18.63 -27.70 21.16
N THR A 128 18.74 -28.77 20.38
CA THR A 128 17.61 -29.64 20.12
C THR A 128 17.63 -30.80 21.08
N ALA A 129 18.67 -30.84 21.92
CA ALA A 129 18.87 -31.90 22.90
C ALA A 129 17.64 -32.17 23.74
N PHE A 130 17.09 -33.36 23.62
CA PHE A 130 15.96 -33.75 24.46
C PHE A 130 16.31 -35.02 25.23
N THR A 131 15.41 -35.44 26.09
CA THR A 131 15.80 -36.42 27.08
C THR A 131 14.62 -37.33 27.46
N ILE A 132 14.79 -38.64 27.33
CA ILE A 132 13.73 -39.57 27.73
C ILE A 132 13.97 -40.05 29.17
N PRO A 133 13.00 -39.78 30.05
CA PRO A 133 13.18 -40.07 31.47
C PRO A 133 13.28 -41.58 31.72
N SER A 134 13.96 -41.96 32.79
CA SER A 134 13.96 -43.34 33.25
C SER A 134 12.69 -43.63 34.05
N ILE A 135 12.41 -44.91 34.28
CA ILE A 135 11.15 -45.31 34.90
C ILE A 135 11.04 -44.73 36.32
N ASN A 136 9.85 -44.24 36.63
CA ASN A 136 9.61 -43.43 37.82
C ASN A 136 10.72 -42.39 38.02
N ASN A 137 11.35 -42.01 36.91
CA ASN A 137 12.42 -41.00 36.89
C ASN A 137 13.41 -41.18 38.04
N GLU A 138 14.31 -42.15 37.88
CA GLU A 138 15.25 -42.52 38.94
C GLU A 138 16.71 -42.50 38.50
N THR A 139 16.97 -42.91 37.26
CA THR A 139 18.32 -42.86 36.70
C THR A 139 18.44 -41.80 35.61
N PRO A 140 19.69 -41.46 35.23
CA PRO A 140 19.97 -40.61 34.07
C PRO A 140 19.26 -41.10 32.81
N GLY A 141 18.48 -40.21 32.19
CA GLY A 141 17.74 -40.59 31.00
C GLY A 141 18.63 -40.70 29.78
N ILE A 142 18.04 -41.12 28.68
CA ILE A 142 18.74 -41.13 27.41
C ILE A 142 18.57 -39.76 26.78
N ARG A 143 19.67 -39.21 26.27
CA ARG A 143 19.68 -37.84 25.77
C ARG A 143 20.17 -37.82 24.33
N TYR A 144 19.30 -37.33 23.44
CA TYR A 144 19.61 -37.21 22.02
C TYR A 144 19.63 -35.75 21.57
N GLN A 145 20.22 -35.53 20.40
CA GLN A 145 19.99 -34.30 19.66
C GLN A 145 19.66 -34.60 18.20
N TYR A 146 18.93 -33.69 17.57
CA TYR A 146 18.56 -33.82 16.16
C TYR A 146 19.73 -33.51 15.23
N ASN A 147 19.77 -34.21 14.10
CA ASN A 147 20.74 -33.91 13.04
C ASN A 147 19.98 -33.28 11.90
N VAL A 148 18.73 -33.68 11.76
CA VAL A 148 17.85 -33.16 10.72
C VAL A 148 16.87 -32.17 11.33
N LEU A 149 15.95 -31.66 10.51
CA LEU A 149 14.97 -30.63 10.91
C LEU A 149 13.81 -31.22 11.71
N PRO A 150 13.66 -30.83 12.98
CA PRO A 150 12.58 -31.39 13.81
C PRO A 150 11.19 -30.90 13.39
N GLN A 151 10.23 -31.82 13.31
CA GLN A 151 8.82 -31.47 13.20
C GLN A 151 8.44 -30.52 14.33
N GLY A 152 7.88 -29.37 13.98
CA GLY A 152 7.40 -28.44 15.00
C GLY A 152 8.38 -27.37 15.46
N TRP A 153 9.61 -27.43 15.00
CA TRP A 153 10.56 -26.35 15.22
C TRP A 153 10.28 -25.18 14.26
N LYS A 154 10.55 -23.98 14.75
CA LYS A 154 10.30 -22.74 14.03
C LYS A 154 10.92 -22.74 12.63
N GLY A 155 12.16 -23.22 12.54
CA GLY A 155 12.95 -23.05 11.33
C GLY A 155 12.68 -24.02 10.19
N SER A 156 11.86 -25.04 10.44
CA SER A 156 11.83 -26.19 9.56
C SER A 156 11.15 -25.94 8.23
N PRO A 157 9.95 -25.34 8.23
CA PRO A 157 9.26 -25.11 6.96
C PRO A 157 10.03 -24.16 6.03
N ALA A 158 10.70 -23.17 6.63
CA ALA A 158 11.49 -22.24 5.83
C ALA A 158 12.69 -22.94 5.22
N ILE A 159 13.45 -23.64 6.06
CA ILE A 159 14.69 -24.29 5.67
C ILE A 159 14.47 -25.43 4.70
N PHE A 160 13.39 -26.18 4.86
CA PHE A 160 13.05 -27.23 3.90
C PHE A 160 12.77 -26.66 2.53
N GLN A 161 11.86 -25.69 2.52
CA GLN A 161 11.50 -25.00 1.30
C GLN A 161 12.75 -24.49 0.61
N SER A 162 13.63 -23.86 1.38
CA SER A 162 14.85 -23.33 0.81
C SER A 162 15.69 -24.43 0.18
N SER A 163 15.81 -25.54 0.90
CA SER A 163 16.62 -26.65 0.44
C SER A 163 16.06 -27.28 -0.84
N MET A 164 14.74 -27.42 -0.91
CA MET A 164 14.13 -27.95 -2.12
C MET A 164 14.33 -27.02 -3.31
N THR A 165 14.61 -25.75 -3.01
CA THR A 165 14.77 -24.77 -4.06
C THR A 165 16.17 -24.80 -4.65
N LYS A 166 17.19 -24.90 -3.81
CA LYS A 166 18.55 -25.00 -4.35
C LYS A 166 18.69 -26.30 -5.14
N ILE A 167 17.99 -27.34 -4.73
CA ILE A 167 18.10 -28.64 -5.36
C ILE A 167 17.38 -28.71 -6.70
N LEU A 168 16.28 -27.97 -6.82
CA LEU A 168 15.55 -27.93 -8.08
C LEU A 168 16.24 -27.02 -9.10
N GLU A 169 17.04 -26.08 -8.62
CA GLU A 169 17.58 -25.02 -9.45
C GLU A 169 18.29 -25.48 -10.72
N PRO A 170 19.28 -26.40 -10.60
CA PRO A 170 20.10 -26.75 -11.76
C PRO A 170 19.23 -27.42 -12.83
N PHE A 171 18.23 -28.16 -12.36
CA PHE A 171 17.30 -28.84 -13.25
C PHE A 171 16.38 -27.85 -13.93
N ARG A 172 16.03 -26.77 -13.24
CA ARG A 172 15.17 -25.76 -13.82
C ARG A 172 15.89 -25.07 -14.95
N LYS A 173 17.12 -24.62 -14.68
CA LYS A 173 17.95 -24.01 -15.71
C LYS A 173 18.01 -24.93 -16.94
N GLN A 174 18.18 -26.23 -16.70
CA GLN A 174 18.33 -27.18 -17.79
C GLN A 174 17.01 -27.55 -18.44
N ASN A 175 15.92 -27.43 -17.68
CA ASN A 175 14.60 -27.83 -18.16
C ASN A 175 13.60 -26.70 -18.11
N PRO A 176 13.92 -25.56 -18.76
CA PRO A 176 13.13 -24.33 -18.65
C PRO A 176 11.73 -24.47 -19.23
N ASP A 177 11.57 -25.40 -20.18
CA ASP A 177 10.26 -25.62 -20.79
C ASP A 177 9.34 -26.42 -19.88
N ILE A 178 9.79 -26.66 -18.65
CA ILE A 178 9.00 -27.42 -17.69
C ILE A 178 8.74 -26.59 -16.45
N VAL A 179 7.52 -26.64 -15.94
CA VAL A 179 7.22 -25.90 -14.73
C VAL A 179 7.09 -26.81 -13.53
N ILE A 180 7.79 -26.44 -12.47
CA ILE A 180 7.65 -27.12 -11.20
C ILE A 180 7.00 -26.17 -10.22
N TYR A 181 5.94 -26.62 -9.57
CA TYR A 181 5.39 -25.82 -8.49
C TYR A 181 5.63 -26.42 -7.10
N GLN A 182 6.41 -25.71 -6.30
CA GLN A 182 6.65 -26.11 -4.91
C GLN A 182 5.55 -25.60 -3.99
N TYR A 183 4.82 -26.52 -3.38
CA TYR A 183 3.96 -26.18 -2.25
C TYR A 183 4.20 -27.14 -1.11
N MET A 184 4.57 -26.59 0.04
CA MET A 184 4.94 -27.38 1.20
C MET A 184 5.98 -28.41 0.77
N ASP A 185 5.67 -29.69 0.97
CA ASP A 185 6.61 -30.73 0.58
C ASP A 185 6.11 -31.53 -0.62
N ASP A 186 5.24 -30.93 -1.42
CA ASP A 186 4.85 -31.54 -2.68
C ASP A 186 5.61 -30.89 -3.81
N LEU A 187 5.56 -31.52 -4.98
CA LEU A 187 5.98 -30.90 -6.22
C LEU A 187 4.89 -31.16 -7.26
N TYR A 188 4.61 -30.16 -8.11
CA TYR A 188 3.74 -30.34 -9.26
C TYR A 188 4.49 -29.98 -10.53
N VAL A 189 4.50 -30.91 -11.48
CA VAL A 189 5.34 -30.77 -12.67
C VAL A 189 4.52 -30.85 -13.95
N GLY A 190 4.65 -29.81 -14.77
CA GLY A 190 3.92 -29.78 -16.02
C GLY A 190 4.83 -29.36 -17.16
N SER A 191 4.52 -29.88 -18.34
CA SER A 191 5.21 -29.48 -19.56
C SER A 191 4.25 -29.70 -20.71
N ASP A 192 4.62 -29.20 -21.88
CA ASP A 192 3.86 -29.46 -23.08
C ASP A 192 4.58 -30.43 -24.02
N LEU A 193 5.02 -31.55 -23.44
CA LEU A 193 5.56 -32.68 -24.19
C LEU A 193 4.54 -33.82 -24.13
N GLU A 194 4.78 -34.89 -24.89
CA GLU A 194 3.86 -36.02 -24.96
C GLU A 194 4.19 -37.02 -23.86
N ILE A 195 3.18 -37.76 -23.40
CA ILE A 195 3.32 -38.60 -22.20
C ILE A 195 4.67 -39.31 -22.13
N GLY A 196 5.16 -39.76 -23.27
CA GLY A 196 6.48 -40.36 -23.30
C GLY A 196 7.56 -39.43 -22.80
N GLN A 197 7.90 -38.43 -23.60
CA GLN A 197 8.99 -37.53 -23.26
C GLN A 197 8.75 -36.80 -21.94
N HIS A 198 7.52 -36.91 -21.44
CA HIS A 198 7.18 -36.35 -20.15
C HIS A 198 7.70 -37.24 -19.01
N ARG A 199 7.21 -38.48 -18.94
CA ARG A 199 7.68 -39.45 -17.94
C ARG A 199 9.18 -39.68 -18.05
N THR A 200 9.70 -39.48 -19.27
CA THR A 200 11.14 -39.42 -19.52
C THR A 200 11.84 -38.40 -18.65
N LYS A 201 11.27 -37.21 -18.58
CA LYS A 201 11.87 -36.14 -17.81
C LYS A 201 11.39 -36.20 -16.36
N ILE A 202 10.21 -36.76 -16.15
CA ILE A 202 9.75 -37.01 -14.80
C ILE A 202 10.69 -37.93 -14.02
N GLU A 203 10.93 -39.13 -14.54
CA GLU A 203 11.95 -40.02 -13.98
C GLU A 203 13.31 -39.33 -13.91
N GLU A 204 13.71 -38.71 -15.01
CA GLU A 204 14.98 -37.98 -15.01
C GLU A 204 15.03 -36.94 -13.87
N LEU A 205 13.85 -36.49 -13.43
CA LEU A 205 13.73 -35.48 -12.37
C LEU A 205 13.83 -36.16 -11.01
N ARG A 206 13.10 -37.27 -10.85
CA ARG A 206 13.16 -38.06 -9.62
C ARG A 206 14.59 -38.53 -9.34
N GLN A 207 15.28 -38.96 -10.40
CA GLN A 207 16.64 -39.44 -10.25
C GLN A 207 17.58 -38.28 -9.98
N HIS A 208 17.11 -37.05 -10.14
CA HIS A 208 17.90 -35.90 -9.70
C HIS A 208 17.64 -35.65 -8.23
N LEU A 209 16.38 -35.76 -7.83
CA LEU A 209 16.04 -35.59 -6.42
C LEU A 209 16.72 -36.68 -5.60
N LEU A 210 16.78 -37.88 -6.16
CA LEU A 210 17.29 -39.03 -5.42
C LEU A 210 18.78 -38.92 -5.16
N ARG A 211 19.50 -38.29 -6.07
CA ARG A 211 20.90 -38.02 -5.83
C ARG A 211 21.05 -37.09 -4.63
N TRP A 212 19.94 -36.46 -4.23
CA TRP A 212 19.97 -35.38 -3.24
C TRP A 212 19.21 -35.67 -1.95
N GLY A 213 18.86 -36.93 -1.76
CA GLY A 213 18.25 -37.33 -0.51
C GLY A 213 16.75 -37.45 -0.63
N LEU A 214 16.21 -36.96 -1.75
CA LEU A 214 14.77 -36.82 -1.87
C LEU A 214 14.10 -37.95 -2.61
N THR A 215 13.35 -38.75 -1.88
CA THR A 215 12.69 -39.91 -2.43
C THR A 215 11.24 -39.58 -2.77
N THR A 216 10.75 -40.12 -3.88
CA THR A 216 9.47 -39.73 -4.41
C THR A 216 8.64 -40.92 -4.88
N PRO A 217 7.33 -40.71 -5.07
CA PRO A 217 6.48 -41.70 -5.74
C PRO A 217 6.82 -41.94 -7.22
N ASP A 218 6.86 -43.21 -7.62
CA ASP A 218 7.19 -43.58 -8.98
C ASP A 218 5.93 -43.62 -9.85
N LYS A 219 6.12 -43.97 -11.12
CA LYS A 219 5.02 -44.06 -12.08
C LYS A 219 3.75 -44.71 -11.52
N LYS A 220 3.89 -45.77 -10.74
CA LYS A 220 2.74 -46.51 -10.25
C LYS A 220 2.03 -45.81 -9.10
N HIS A 221 2.70 -44.85 -8.47
CA HIS A 221 2.14 -44.18 -7.30
C HIS A 221 1.97 -42.67 -7.48
N GLN A 222 1.35 -42.27 -8.58
CA GLN A 222 1.07 -40.86 -8.84
C GLN A 222 -0.43 -40.64 -9.09
N LYS A 223 -0.99 -39.67 -8.37
CA LYS A 223 -2.43 -39.45 -8.41
C LYS A 223 -2.81 -38.86 -9.76
N GLU A 224 -4.09 -38.96 -10.12
CA GLU A 224 -4.58 -38.41 -11.37
C GLU A 224 -5.62 -37.30 -11.15
N PRO A 225 -5.85 -36.48 -12.20
CA PRO A 225 -6.84 -35.37 -12.18
C PRO A 225 -8.28 -35.88 -12.01
N PRO A 226 -9.09 -35.16 -11.21
CA PRO A 226 -8.78 -33.90 -10.55
C PRO A 226 -7.81 -34.02 -9.38
N PHE A 227 -6.95 -33.03 -9.22
CA PHE A 227 -6.11 -32.89 -8.04
C PHE A 227 -6.74 -31.87 -7.09
N LEU A 228 -7.79 -32.25 -6.36
CA LEU A 228 -8.31 -31.38 -5.33
C LEU A 228 -7.13 -30.80 -4.58
N TRP A 229 -7.22 -29.50 -4.25
CA TRP A 229 -6.13 -28.78 -3.57
C TRP A 229 -6.52 -27.42 -3.06
N MET A 230 -6.38 -27.23 -1.76
CA MET A 230 -6.49 -25.90 -1.16
C MET A 230 -7.86 -25.28 -1.36
N GLY A 231 -8.84 -26.12 -1.69
CA GLY A 231 -10.22 -25.66 -1.81
C GLY A 231 -10.70 -25.70 -3.24
N TYR A 232 -9.83 -26.12 -4.14
CA TYR A 232 -10.13 -26.09 -5.57
C TYR A 232 -10.16 -27.49 -6.13
N GLU A 233 -10.77 -27.64 -7.28
CA GLU A 233 -10.74 -28.91 -8.00
C GLU A 233 -10.16 -28.68 -9.37
N LEU A 234 -9.00 -29.27 -9.65
CA LEU A 234 -8.25 -28.88 -10.83
C LEU A 234 -8.23 -29.96 -11.89
N HIS A 235 -8.82 -29.66 -13.05
CA HIS A 235 -8.89 -30.62 -14.15
C HIS A 235 -7.88 -30.24 -15.23
N PRO A 236 -7.73 -31.10 -16.24
CA PRO A 236 -6.71 -30.89 -17.28
C PRO A 236 -6.81 -29.59 -18.08
N ASP A 237 -8.03 -29.14 -18.37
CA ASP A 237 -8.23 -27.93 -19.16
C ASP A 237 -9.20 -26.92 -18.53
N LYS A 238 -9.49 -27.09 -17.25
CA LYS A 238 -10.37 -26.16 -16.55
C LYS A 238 -10.34 -26.38 -15.05
N TRP A 239 -11.00 -25.51 -14.30
CA TRP A 239 -10.92 -25.57 -12.85
C TRP A 239 -12.20 -25.01 -12.23
N THR A 240 -12.46 -25.38 -10.98
CA THR A 240 -13.60 -24.89 -10.25
C THR A 240 -13.26 -24.97 -8.77
N VAL A 241 -14.09 -24.40 -7.92
CA VAL A 241 -13.94 -24.62 -6.50
C VAL A 241 -14.37 -26.05 -6.16
N GLN A 242 -14.02 -26.52 -4.96
CA GLN A 242 -14.48 -27.83 -4.46
C GLN A 242 -15.97 -27.75 -4.26
N PRO A 243 -16.65 -28.88 -4.46
CA PRO A 243 -18.12 -28.95 -4.45
C PRO A 243 -18.73 -28.29 -3.21
N ILE A 244 -19.70 -27.43 -3.42
CA ILE A 244 -20.33 -26.69 -2.33
C ILE A 244 -21.79 -27.08 -2.11
N VAL A 245 -22.08 -27.52 -0.90
CA VAL A 245 -23.44 -27.88 -0.52
C VAL A 245 -23.95 -26.93 0.56
N LEU A 246 -25.02 -26.20 0.25
CA LEU A 246 -25.68 -25.37 1.25
C LEU A 246 -26.58 -26.23 2.11
N PRO A 247 -26.31 -26.29 3.42
CA PRO A 247 -27.21 -27.08 4.30
C PRO A 247 -28.71 -26.72 4.12
N GLU A 248 -29.59 -27.63 4.53
CA GLU A 248 -31.02 -27.34 4.55
C GLU A 248 -31.53 -27.42 5.98
N LYS A 249 -31.84 -26.27 6.56
CA LYS A 249 -32.21 -26.22 7.96
C LYS A 249 -33.46 -25.37 8.18
N ASP A 250 -34.19 -25.70 9.24
CA ASP A 250 -35.28 -24.85 9.72
C ASP A 250 -34.69 -23.78 10.63
N SER A 251 -33.99 -24.21 11.68
CA SER A 251 -33.23 -23.30 12.53
C SER A 251 -31.84 -23.04 11.96
N TRP A 252 -31.42 -21.77 12.00
CA TRP A 252 -30.05 -21.41 11.69
C TRP A 252 -29.40 -20.75 12.90
N THR A 253 -28.31 -21.33 13.39
CA THR A 253 -27.50 -20.73 14.44
C THR A 253 -26.54 -19.71 13.83
N VAL A 254 -25.93 -18.86 14.66
CA VAL A 254 -24.97 -17.88 14.15
C VAL A 254 -23.85 -18.59 13.39
N ASN A 255 -23.38 -19.69 13.97
CA ASN A 255 -22.33 -20.53 13.41
C ASN A 255 -22.72 -21.23 12.08
N ASP A 256 -24.00 -21.54 11.89
CA ASP A 256 -24.49 -22.07 10.61
C ASP A 256 -24.43 -21.01 9.52
N ILE A 257 -24.62 -19.77 9.91
CA ILE A 257 -24.71 -18.66 8.97
C ILE A 257 -23.32 -18.14 8.62
N GLN A 258 -22.39 -18.18 9.57
CA GLN A 258 -21.02 -17.78 9.29
C GLN A 258 -20.35 -18.75 8.31
N LYS A 259 -20.57 -20.05 8.54
CA LYS A 259 -20.05 -21.09 7.67
C LYS A 259 -20.60 -20.97 6.26
N LEU A 260 -21.88 -20.63 6.15
CA LEU A 260 -22.55 -20.42 4.86
C LEU A 260 -21.99 -19.21 4.09
N VAL A 261 -21.88 -18.06 4.77
CA VAL A 261 -21.27 -16.85 4.21
C VAL A 261 -19.89 -17.16 3.64
N GLY A 262 -19.11 -17.95 4.37
CA GLY A 262 -17.80 -18.35 3.88
C GLY A 262 -17.83 -19.22 2.63
N LYS A 263 -18.61 -20.29 2.65
CA LYS A 263 -18.72 -21.22 1.53
C LYS A 263 -19.19 -20.49 0.29
N LEU A 264 -19.95 -19.42 0.51
CA LEU A 264 -20.47 -18.60 -0.59
C LEU A 264 -19.36 -17.71 -1.12
N ASN A 265 -18.71 -17.00 -0.20
CA ASN A 265 -17.56 -16.16 -0.54
C ASN A 265 -16.54 -16.94 -1.34
N TRP A 266 -16.37 -18.20 -1.00
CA TRP A 266 -15.41 -19.06 -1.70
C TRP A 266 -15.93 -19.34 -3.12
N ALA A 267 -17.21 -19.68 -3.21
CA ALA A 267 -17.84 -19.97 -4.50
C ALA A 267 -17.78 -18.72 -5.38
N SER A 268 -17.75 -17.56 -4.72
CA SER A 268 -17.91 -16.29 -5.42
C SER A 268 -16.84 -16.01 -6.48
N GLN A 269 -15.73 -16.76 -6.44
CA GLN A 269 -14.61 -16.50 -7.34
C GLN A 269 -14.73 -17.21 -8.67
N ILE A 270 -15.81 -17.97 -8.85
CA ILE A 270 -16.05 -18.60 -10.14
C ILE A 270 -17.55 -18.64 -10.47
N TYR A 271 -18.38 -18.55 -9.44
CA TYR A 271 -19.80 -18.42 -9.65
C TYR A 271 -20.26 -16.95 -9.69
N PRO A 272 -20.64 -16.46 -10.88
CA PRO A 272 -20.99 -15.05 -11.08
C PRO A 272 -22.22 -14.64 -10.29
N GLY A 273 -22.17 -13.46 -9.69
CA GLY A 273 -23.38 -12.88 -9.15
C GLY A 273 -23.80 -13.37 -7.78
N ILE A 274 -22.92 -14.07 -7.09
CA ILE A 274 -23.24 -14.53 -5.74
C ILE A 274 -23.40 -13.28 -4.87
N LYS A 275 -24.42 -13.28 -4.02
CA LYS A 275 -24.62 -12.18 -3.07
C LYS A 275 -24.57 -12.69 -1.64
N VAL A 276 -24.20 -11.82 -0.70
CA VAL A 276 -24.18 -12.20 0.71
C VAL A 276 -24.52 -11.04 1.63
N ARG A 277 -24.92 -9.91 1.06
CA ARG A 277 -25.29 -8.76 1.89
C ARG A 277 -26.39 -9.10 2.88
N GLN A 278 -27.55 -9.56 2.40
CA GLN A 278 -28.67 -9.85 3.29
C GLN A 278 -28.35 -10.86 4.38
N LEU A 279 -27.50 -11.83 4.05
CA LEU A 279 -27.06 -12.83 5.00
C LEU A 279 -26.10 -12.25 6.03
N CYS A 280 -25.30 -11.26 5.62
CA CYS A 280 -24.34 -10.63 6.51
C CYS A 280 -24.96 -9.63 7.48
N LYS A 281 -25.96 -8.88 7.04
CA LYS A 281 -26.70 -8.01 7.95
C LYS A 281 -27.08 -8.82 9.19
N LEU A 282 -27.40 -10.09 8.98
CA LEU A 282 -27.85 -10.99 10.04
C LEU A 282 -26.83 -11.21 11.16
N LEU A 283 -25.55 -11.19 10.81
CA LEU A 283 -24.50 -11.50 11.77
C LEU A 283 -24.25 -10.38 12.78
N ARG A 284 -24.60 -9.16 12.39
CA ARG A 284 -24.45 -8.00 13.28
C ARG A 284 -25.11 -8.24 14.63
N GLY A 285 -24.55 -7.63 15.67
CA GLY A 285 -25.02 -7.91 17.02
C GLY A 285 -23.97 -8.62 17.84
N THR A 286 -24.31 -8.96 19.08
CA THR A 286 -23.34 -9.52 20.01
C THR A 286 -23.65 -10.97 20.41
N LYS A 287 -24.31 -11.70 19.51
CA LYS A 287 -24.81 -13.03 19.84
C LYS A 287 -23.71 -14.08 20.02
N ALA A 288 -24.09 -15.22 20.57
CA ALA A 288 -23.17 -16.36 20.67
C ALA A 288 -23.24 -17.14 19.37
N LEU A 289 -22.46 -18.21 19.28
CA LEU A 289 -22.49 -19.03 18.09
C LEU A 289 -23.71 -19.95 18.09
N THR A 290 -24.27 -20.18 19.27
CA THR A 290 -25.37 -21.13 19.44
C THR A 290 -26.73 -20.46 19.16
N GLU A 291 -26.74 -19.14 19.09
CA GLU A 291 -27.99 -18.40 18.90
C GLU A 291 -28.61 -18.66 17.53
N VAL A 292 -29.88 -19.06 17.50
CA VAL A 292 -30.55 -19.24 16.23
C VAL A 292 -31.11 -17.91 15.72
N ILE A 293 -30.88 -17.66 14.44
CA ILE A 293 -31.23 -16.39 13.84
C ILE A 293 -32.30 -16.61 12.77
N PRO A 294 -33.50 -16.08 13.01
CA PRO A 294 -34.59 -16.10 12.02
C PRO A 294 -34.21 -15.32 10.77
N LEU A 295 -34.14 -15.98 9.61
CA LEU A 295 -33.76 -15.30 8.39
C LEU A 295 -34.82 -14.26 8.03
N THR A 296 -34.35 -13.12 7.51
CA THR A 296 -35.24 -12.05 7.09
C THR A 296 -35.86 -12.41 5.76
N GLU A 297 -36.76 -11.57 5.26
CA GLU A 297 -37.34 -11.80 3.94
C GLU A 297 -36.23 -11.65 2.90
N GLU A 298 -35.52 -10.53 2.96
CA GLU A 298 -34.47 -10.23 2.01
C GLU A 298 -33.27 -11.18 2.08
N ALA A 299 -33.05 -11.79 3.24
CA ALA A 299 -31.96 -12.76 3.35
C ALA A 299 -32.34 -14.05 2.66
N GLU A 300 -33.61 -14.44 2.80
CA GLU A 300 -34.11 -15.69 2.25
C GLU A 300 -34.24 -15.54 0.75
N LEU A 301 -34.73 -14.38 0.33
CA LEU A 301 -34.75 -14.04 -1.08
C LEU A 301 -33.33 -14.19 -1.62
N GLU A 302 -32.36 -13.81 -0.81
CA GLU A 302 -30.96 -13.80 -1.23
C GLU A 302 -30.34 -15.19 -1.18
N LEU A 303 -30.71 -15.98 -0.19
CA LEU A 303 -30.24 -17.36 -0.11
C LEU A 303 -30.82 -18.11 -1.30
N ALA A 304 -31.95 -17.62 -1.79
CA ALA A 304 -32.65 -18.23 -2.92
C ALA A 304 -31.82 -18.09 -4.18
N GLU A 305 -31.54 -16.84 -4.57
CA GLU A 305 -30.68 -16.57 -5.71
C GLU A 305 -29.40 -17.42 -5.65
N ASN A 306 -28.77 -17.45 -4.48
CA ASN A 306 -27.52 -18.18 -4.31
C ASN A 306 -27.79 -19.66 -4.47
N ARG A 307 -28.93 -20.09 -3.92
CA ARG A 307 -29.29 -21.50 -3.92
C ARG A 307 -29.43 -21.99 -5.37
N GLU A 308 -29.81 -21.07 -6.26
CA GLU A 308 -30.05 -21.39 -7.68
C GLU A 308 -28.78 -21.32 -8.52
N ILE A 309 -28.05 -20.21 -8.40
CA ILE A 309 -26.82 -20.02 -9.15
C ILE A 309 -25.91 -21.24 -8.99
N LEU A 310 -25.88 -21.81 -7.79
CA LEU A 310 -24.95 -22.87 -7.48
C LEU A 310 -25.42 -24.21 -8.02
N LYS A 311 -26.66 -24.25 -8.48
CA LYS A 311 -27.32 -25.51 -8.83
C LYS A 311 -26.59 -26.25 -9.96
N GLU A 312 -26.41 -25.57 -11.09
CA GLU A 312 -25.60 -26.13 -12.17
C GLU A 312 -24.14 -25.82 -11.91
N PRO A 313 -23.24 -26.74 -12.29
CA PRO A 313 -21.81 -26.50 -12.12
C PRO A 313 -21.25 -25.50 -13.15
N VAL A 314 -20.28 -24.70 -12.70
CA VAL A 314 -19.59 -23.73 -13.53
C VAL A 314 -18.09 -23.94 -13.38
N HIS A 315 -17.32 -23.77 -14.47
CA HIS A 315 -15.87 -23.87 -14.37
C HIS A 315 -15.13 -22.66 -14.93
N GLY A 316 -13.88 -22.50 -14.51
CA GLY A 316 -13.06 -21.43 -15.03
C GLY A 316 -11.99 -21.98 -15.96
N VAL A 317 -11.60 -21.22 -16.97
CA VAL A 317 -10.56 -21.66 -17.90
C VAL A 317 -9.17 -21.25 -17.43
N TYR A 318 -8.17 -21.59 -18.24
CA TYR A 318 -6.79 -21.31 -17.89
C TYR A 318 -6.23 -20.13 -18.67
N TYR A 319 -5.06 -19.67 -18.27
CA TYR A 319 -4.58 -18.39 -18.75
C TYR A 319 -3.80 -18.50 -20.05
N ASP A 320 -4.26 -17.80 -21.07
CA ASP A 320 -3.57 -17.77 -22.35
C ASP A 320 -2.77 -16.49 -22.47
N PRO A 321 -1.46 -16.57 -22.24
CA PRO A 321 -0.54 -15.42 -22.10
C PRO A 321 -0.51 -14.48 -23.32
N SER A 322 -1.03 -14.97 -24.44
CA SER A 322 -0.93 -14.26 -25.71
C SER A 322 -2.23 -13.55 -26.09
N LYS A 323 -3.20 -13.57 -25.19
CA LYS A 323 -4.42 -12.79 -25.35
C LYS A 323 -4.50 -11.73 -24.26
N ASP A 324 -5.35 -10.73 -24.47
CA ASP A 324 -5.61 -9.73 -23.45
C ASP A 324 -6.56 -10.28 -22.39
N LEU A 325 -6.47 -9.75 -21.17
CA LEU A 325 -7.48 -9.99 -20.13
C LEU A 325 -8.54 -8.90 -20.19
N ILE A 326 -9.80 -9.30 -20.06
CA ILE A 326 -10.90 -8.36 -20.11
C ILE A 326 -11.64 -8.46 -18.80
N ALA A 327 -11.72 -7.35 -18.06
CA ALA A 327 -12.51 -7.31 -16.83
C ALA A 327 -13.79 -6.53 -17.05
N GLU A 328 -14.90 -7.14 -16.58
CA GLU A 328 -16.24 -6.61 -16.73
C GLU A 328 -16.77 -6.41 -15.31
N ILE A 329 -17.35 -5.26 -15.03
CA ILE A 329 -17.87 -4.99 -13.71
C ILE A 329 -19.35 -4.63 -13.80
N GLN A 330 -20.14 -5.11 -12.84
CA GLN A 330 -21.55 -4.75 -12.74
C GLN A 330 -21.91 -4.29 -11.33
N LYS A 331 -22.68 -3.22 -11.24
CA LYS A 331 -23.32 -2.86 -9.98
C LYS A 331 -24.42 -3.88 -9.73
N GLN A 332 -24.33 -4.59 -8.61
CA GLN A 332 -25.21 -5.72 -8.38
C GLN A 332 -26.21 -5.39 -7.29
N GLY A 333 -26.00 -4.24 -6.63
CA GLY A 333 -26.89 -3.85 -5.57
C GLY A 333 -26.38 -2.70 -4.75
N GLN A 334 -26.91 -2.61 -3.54
CA GLN A 334 -26.65 -1.48 -2.66
C GLN A 334 -25.20 -1.53 -2.18
N GLY A 335 -24.31 -0.88 -2.93
CA GLY A 335 -22.89 -0.89 -2.59
C GLY A 335 -22.19 -2.20 -2.94
N GLN A 336 -22.91 -3.14 -3.56
CA GLN A 336 -22.31 -4.42 -3.94
C GLN A 336 -21.95 -4.46 -5.42
N TRP A 337 -20.78 -5.00 -5.72
CA TRP A 337 -20.27 -5.07 -7.08
C TRP A 337 -19.76 -6.47 -7.41
N THR A 338 -19.99 -6.87 -8.65
CA THR A 338 -19.56 -8.20 -9.08
C THR A 338 -18.72 -7.96 -10.32
N TYR A 339 -17.76 -8.84 -10.57
CA TYR A 339 -16.93 -8.70 -11.77
C TYR A 339 -16.57 -10.07 -12.38
N GLN A 340 -16.11 -10.04 -13.62
CA GLN A 340 -15.71 -11.25 -14.31
C GLN A 340 -14.47 -10.93 -15.10
N ILE A 341 -13.50 -11.84 -15.05
CA ILE A 341 -12.32 -11.72 -15.88
C ILE A 341 -12.41 -12.80 -16.93
N TYR A 342 -12.17 -12.44 -18.20
CA TYR A 342 -12.09 -13.45 -19.25
C TYR A 342 -11.17 -12.96 -20.35
N GLN A 343 -10.87 -13.87 -21.28
CA GLN A 343 -10.06 -13.54 -22.42
C GLN A 343 -10.83 -13.81 -23.71
N GLU A 344 -11.78 -14.75 -23.64
CA GLU A 344 -12.68 -15.06 -24.75
C GLU A 344 -14.09 -15.18 -24.17
N PRO A 345 -15.01 -14.30 -24.60
CA PRO A 345 -16.33 -14.20 -23.95
C PRO A 345 -17.20 -15.42 -24.20
N PHE A 346 -17.99 -15.81 -23.21
CA PHE A 346 -17.85 -15.30 -21.85
C PHE A 346 -17.35 -16.38 -20.95
N LYS A 347 -16.29 -17.05 -21.40
CA LYS A 347 -15.67 -18.13 -20.66
C LYS A 347 -14.67 -17.56 -19.68
N ASN A 348 -15.11 -17.44 -18.42
CA ASN A 348 -14.34 -16.72 -17.41
C ASN A 348 -13.07 -17.43 -16.95
N LEU A 349 -12.00 -16.66 -16.76
CA LEU A 349 -10.85 -17.17 -16.03
C LEU A 349 -11.20 -17.15 -14.55
N LYS A 350 -11.85 -16.07 -14.11
CA LYS A 350 -12.40 -16.02 -12.77
C LYS A 350 -13.41 -14.90 -12.56
N THR A 351 -14.14 -14.98 -11.46
CA THR A 351 -15.12 -13.97 -11.11
C THR A 351 -14.79 -13.49 -9.71
N GLY A 352 -15.41 -12.39 -9.29
CA GLY A 352 -15.14 -11.83 -7.98
C GLY A 352 -16.20 -10.84 -7.57
N LYS A 353 -16.05 -10.30 -6.37
CA LYS A 353 -17.15 -9.61 -5.70
C LYS A 353 -16.60 -8.50 -4.81
N TYR A 354 -17.02 -7.26 -5.06
CA TYR A 354 -16.55 -6.14 -4.27
C TYR A 354 -17.70 -5.51 -3.48
N ALA A 355 -17.48 -5.26 -2.19
CA ALA A 355 -18.57 -4.81 -1.33
C ALA A 355 -18.19 -3.71 -0.34
N ARG A 356 -16.91 -3.41 -0.22
CA ARG A 356 -16.48 -2.39 0.74
C ARG A 356 -17.26 -1.09 0.53
N MET A 357 -17.07 -0.16 1.46
CA MET A 357 -17.48 1.22 1.28
C MET A 357 -16.40 2.08 1.93
N ARG A 358 -15.99 3.16 1.26
CA ARG A 358 -14.85 3.94 1.74
C ARG A 358 -15.27 5.27 2.35
N GLY A 359 -15.32 5.30 3.68
CA GLY A 359 -15.86 6.46 4.37
C GLY A 359 -17.31 6.22 4.78
N ALA A 360 -17.96 7.28 5.25
CA ALA A 360 -19.38 7.25 5.57
C ALA A 360 -20.20 7.58 4.33
N HIS A 361 -19.60 8.33 3.41
CA HIS A 361 -20.30 8.81 2.24
C HIS A 361 -19.47 8.57 0.99
N THR A 362 -20.02 7.80 0.07
CA THR A 362 -19.45 7.70 -1.28
C THR A 362 -20.57 7.79 -2.28
N ASN A 363 -20.19 7.97 -3.53
CA ASN A 363 -21.11 7.75 -4.62
C ASN A 363 -20.59 6.60 -5.48
N ASP A 364 -21.43 6.12 -6.39
CA ASP A 364 -21.10 5.00 -7.25
C ASP A 364 -19.82 5.21 -8.07
N VAL A 365 -19.56 6.43 -8.53
CA VAL A 365 -18.36 6.65 -9.32
C VAL A 365 -17.14 6.28 -8.48
N LYS A 366 -17.11 6.81 -7.25
CA LYS A 366 -16.07 6.48 -6.29
C LYS A 366 -16.01 4.98 -6.06
N GLN A 367 -17.13 4.35 -5.74
CA GLN A 367 -17.12 2.93 -5.46
C GLN A 367 -16.62 2.13 -6.64
N LEU A 368 -16.98 2.57 -7.84
CA LEU A 368 -16.58 1.89 -9.06
C LEU A 368 -15.08 2.05 -9.29
N THR A 369 -14.55 3.24 -9.01
CA THR A 369 -13.11 3.45 -9.07
C THR A 369 -12.34 2.55 -8.10
N GLU A 370 -12.88 2.34 -6.91
CA GLU A 370 -12.24 1.46 -5.95
C GLU A 370 -12.19 0.01 -6.40
N ALA A 371 -13.25 -0.46 -7.05
CA ALA A 371 -13.29 -1.81 -7.59
C ALA A 371 -12.28 -1.98 -8.73
N VAL A 372 -12.25 -1.03 -9.64
CA VAL A 372 -11.27 -1.11 -10.70
C VAL A 372 -9.89 -1.34 -10.12
N GLN A 373 -9.53 -0.54 -9.11
CA GLN A 373 -8.21 -0.65 -8.47
C GLN A 373 -8.00 -2.00 -7.85
N LYS A 374 -8.97 -2.40 -7.03
CA LYS A 374 -8.93 -3.69 -6.38
C LYS A 374 -8.73 -4.78 -7.43
N ILE A 375 -9.55 -4.77 -8.47
CA ILE A 375 -9.41 -5.71 -9.59
C ILE A 375 -8.06 -5.61 -10.28
N THR A 376 -7.50 -4.41 -10.33
CA THR A 376 -6.24 -4.20 -11.03
C THR A 376 -5.07 -4.86 -10.32
N THR A 377 -4.96 -4.60 -9.02
CA THR A 377 -3.91 -5.18 -8.20
C THR A 377 -4.00 -6.69 -8.33
N GLU A 378 -5.20 -7.23 -8.15
CA GLU A 378 -5.45 -8.66 -8.23
C GLU A 378 -4.88 -9.27 -9.52
N SER A 379 -5.16 -8.62 -10.64
CA SER A 379 -4.63 -9.03 -11.92
C SER A 379 -3.11 -9.04 -11.95
N ILE A 380 -2.50 -7.98 -11.42
CA ILE A 380 -1.05 -7.94 -11.34
C ILE A 380 -0.57 -9.21 -10.64
N VAL A 381 -1.16 -9.51 -9.48
CA VAL A 381 -0.76 -10.68 -8.71
C VAL A 381 -0.96 -11.99 -9.48
N ILE A 382 -2.13 -12.20 -10.05
CA ILE A 382 -2.38 -13.48 -10.70
C ILE A 382 -1.79 -13.60 -12.10
N TRP A 383 -1.79 -12.53 -12.90
CA TRP A 383 -1.27 -12.68 -14.26
C TRP A 383 -0.09 -11.81 -14.62
N GLY A 384 0.27 -10.83 -13.80
CA GLY A 384 1.43 -10.04 -14.11
C GLY A 384 1.16 -8.92 -15.10
N LYS A 385 -0.09 -8.79 -15.51
CA LYS A 385 -0.51 -7.61 -16.26
C LYS A 385 -1.91 -7.15 -15.87
N THR A 386 -2.23 -5.93 -16.26
CA THR A 386 -3.50 -5.29 -15.93
C THR A 386 -4.52 -5.51 -17.05
N PRO A 387 -5.80 -5.69 -16.71
CA PRO A 387 -6.81 -6.02 -17.72
C PRO A 387 -7.34 -4.82 -18.49
N LYS A 388 -7.93 -5.09 -19.65
CA LYS A 388 -8.75 -4.08 -20.34
C LYS A 388 -10.07 -4.08 -19.59
N PHE A 389 -10.55 -2.90 -19.22
CA PHE A 389 -11.79 -2.81 -18.46
C PHE A 389 -13.03 -2.49 -19.31
N LYS A 390 -14.18 -3.02 -18.89
CA LYS A 390 -15.46 -2.67 -19.49
C LYS A 390 -16.40 -2.28 -18.36
N LEU A 391 -16.74 -1.00 -18.30
CA LEU A 391 -17.47 -0.48 -17.14
C LEU A 391 -18.84 0.08 -17.53
N PRO A 392 -19.81 -0.05 -16.62
CA PRO A 392 -21.15 0.50 -16.81
C PRO A 392 -21.23 2.01 -16.53
N ILE A 393 -20.42 2.80 -17.24
CA ILE A 393 -20.42 4.24 -17.02
C ILE A 393 -19.94 4.98 -18.26
N GLN A 394 -20.73 5.95 -18.72
CA GLN A 394 -20.36 6.73 -19.90
C GLN A 394 -19.05 7.46 -19.64
N LYS A 395 -18.27 7.66 -20.70
CA LYS A 395 -17.03 8.39 -20.56
C LYS A 395 -17.29 9.80 -20.08
N GLU A 396 -18.42 10.36 -20.48
CA GLU A 396 -18.75 11.73 -20.10
C GLU A 396 -19.07 11.83 -18.60
N THR A 397 -19.79 10.86 -18.06
CA THR A 397 -20.05 10.81 -16.63
C THR A 397 -18.72 10.79 -15.86
N TRP A 398 -17.82 9.91 -16.26
CA TRP A 398 -16.58 9.72 -15.54
C TRP A 398 -15.75 10.98 -15.68
N GLU A 399 -15.75 11.54 -16.88
CA GLU A 399 -14.94 12.70 -17.22
C GLU A 399 -15.37 13.92 -16.42
N THR A 400 -16.67 14.03 -16.16
CA THR A 400 -17.23 15.11 -15.35
C THR A 400 -16.91 14.93 -13.89
N TRP A 401 -16.86 13.69 -13.42
CA TRP A 401 -16.42 13.43 -12.05
C TRP A 401 -14.94 13.73 -11.87
N TRP A 402 -14.08 13.07 -12.63
CA TRP A 402 -12.65 13.24 -12.45
C TRP A 402 -12.34 14.72 -12.35
N THR A 403 -12.73 15.44 -13.39
CA THR A 403 -12.28 16.81 -13.57
C THR A 403 -12.61 17.68 -12.37
N GLU A 404 -13.81 17.52 -11.83
CA GLU A 404 -14.29 18.45 -10.82
C GLU A 404 -14.02 17.97 -9.40
N TYR A 405 -13.66 16.71 -9.22
CA TYR A 405 -13.39 16.17 -7.89
C TYR A 405 -11.99 16.61 -7.47
N TRP A 406 -11.75 16.80 -6.17
CA TRP A 406 -10.44 17.28 -5.76
C TRP A 406 -9.36 16.19 -5.66
N GLN A 407 -9.75 14.97 -5.32
CA GLN A 407 -8.77 13.87 -5.29
C GLN A 407 -8.25 13.58 -6.68
N ALA A 408 -6.98 13.21 -6.77
CA ALA A 408 -6.44 12.67 -8.00
C ALA A 408 -7.01 11.28 -8.16
N THR A 409 -7.28 10.88 -9.41
CA THR A 409 -7.84 9.57 -9.65
C THR A 409 -7.37 9.07 -11.01
N TRP A 410 -7.60 7.80 -11.29
CA TRP A 410 -7.21 7.27 -12.59
C TRP A 410 -7.52 5.80 -12.74
N ILE A 411 -8.30 5.48 -13.76
CA ILE A 411 -8.41 4.10 -14.18
C ILE A 411 -7.76 3.90 -15.55
N PRO A 412 -7.13 2.74 -15.75
CA PRO A 412 -6.45 2.34 -16.99
C PRO A 412 -7.46 2.13 -18.13
N GLU A 413 -7.06 1.49 -19.21
CA GLU A 413 -7.86 1.45 -20.43
C GLU A 413 -9.22 0.79 -20.22
N TRP A 414 -10.29 1.56 -20.46
CA TRP A 414 -11.64 1.03 -20.33
C TRP A 414 -12.62 1.47 -21.41
N GLU A 415 -13.78 0.82 -21.42
CA GLU A 415 -14.82 1.08 -22.39
C GLU A 415 -16.17 1.06 -21.70
N PHE A 416 -17.10 1.84 -22.25
CA PHE A 416 -18.48 1.76 -21.79
C PHE A 416 -19.10 0.47 -22.31
N VAL A 417 -19.81 -0.21 -21.42
CA VAL A 417 -20.67 -1.32 -21.78
C VAL A 417 -22.01 -1.10 -21.10
N ASN A 418 -23.08 -1.24 -21.87
CA ASN A 418 -24.40 -0.92 -21.35
C ASN A 418 -25.01 -2.11 -20.61
N THR A 419 -24.55 -2.33 -19.38
CA THR A 419 -25.11 -3.38 -18.54
C THR A 419 -25.76 -2.72 -17.34
N PRO A 420 -27.02 -2.27 -17.49
CA PRO A 420 -27.64 -1.58 -16.35
C PRO A 420 -27.70 -2.45 -15.10
N PRO A 421 -27.74 -1.80 -13.91
CA PRO A 421 -27.82 -0.35 -13.76
C PRO A 421 -26.55 0.42 -14.17
N LEU A 422 -26.72 1.50 -14.91
CA LEU A 422 -25.59 2.36 -15.20
C LEU A 422 -25.27 3.23 -14.00
N VAL A 423 -24.02 3.64 -13.88
CA VAL A 423 -23.64 4.61 -12.86
C VAL A 423 -23.61 6.02 -13.42
N LYS A 424 -24.29 6.91 -12.69
CA LYS A 424 -24.39 8.30 -13.08
C LYS A 424 -24.18 9.20 -11.87
N LEU A 425 -23.88 10.47 -12.13
CA LEU A 425 -23.93 11.48 -11.09
C LEU A 425 -25.40 11.83 -10.91
N TRP A 426 -25.85 11.93 -9.66
CA TRP A 426 -27.28 12.12 -9.40
C TRP A 426 -27.72 13.58 -9.21
N TYR A 427 -26.77 14.47 -9.02
CA TYR A 427 -27.04 15.90 -8.99
C TYR A 427 -25.71 16.61 -9.11
N GLN A 428 -25.70 17.78 -9.72
CA GLN A 428 -24.52 18.62 -9.79
C GLN A 428 -24.86 19.85 -8.97
N LEU A 429 -23.97 20.29 -8.09
CA LEU A 429 -24.15 21.59 -7.46
C LEU A 429 -23.66 22.67 -8.41
N GLU A 430 -24.20 23.88 -8.27
CA GLU A 430 -23.86 24.96 -9.19
C GLU A 430 -22.46 25.48 -8.90
N LYS A 431 -21.82 26.05 -9.91
CA LYS A 431 -20.50 26.63 -9.72
C LYS A 431 -20.59 28.10 -9.39
N GLU A 432 -21.75 28.69 -9.67
CA GLU A 432 -21.98 30.10 -9.38
C GLU A 432 -23.30 30.30 -8.65
N PRO A 433 -23.44 31.42 -7.91
CA PRO A 433 -24.71 31.82 -7.29
C PRO A 433 -25.84 31.88 -8.30
N ILE A 434 -27.03 31.49 -7.88
CA ILE A 434 -28.21 31.62 -8.70
C ILE A 434 -28.82 33.01 -8.48
N VAL A 435 -29.38 33.60 -9.52
CA VAL A 435 -30.08 34.86 -9.36
C VAL A 435 -31.57 34.61 -9.19
N GLY A 436 -32.22 35.46 -8.41
CA GLY A 436 -33.66 35.32 -8.22
C GLY A 436 -33.97 34.02 -7.53
N ALA A 437 -32.95 33.44 -6.90
CA ALA A 437 -33.12 32.27 -6.06
C ALA A 437 -32.95 32.68 -4.61
N GLU A 438 -33.85 32.23 -3.76
CA GLU A 438 -33.84 32.66 -2.38
C GLU A 438 -32.56 32.23 -1.68
N THR A 439 -31.77 33.18 -1.22
CA THR A 439 -30.59 32.90 -0.40
C THR A 439 -30.95 32.61 1.08
N PHE A 440 -30.91 31.33 1.48
CA PHE A 440 -30.94 30.97 2.89
C PHE A 440 -29.56 31.09 3.57
N TYR A 441 -29.48 31.84 4.66
CA TYR A 441 -28.32 31.75 5.57
C TYR A 441 -28.70 30.85 6.73
N VAL A 442 -28.10 29.65 6.79
CA VAL A 442 -28.51 28.66 7.76
C VAL A 442 -27.45 28.50 8.82
N ASP A 443 -27.80 27.86 9.93
CA ASP A 443 -26.83 27.60 10.99
C ASP A 443 -27.38 26.60 11.99
N GLY A 444 -26.48 25.98 12.74
CA GLY A 444 -26.87 24.99 13.71
C GLY A 444 -25.89 25.01 14.87
N ALA A 445 -26.32 24.50 16.02
CA ALA A 445 -25.50 24.57 17.22
C ALA A 445 -25.99 23.57 18.27
N ALA A 446 -25.21 23.42 19.33
CA ALA A 446 -25.54 22.47 20.39
C ALA A 446 -24.70 22.73 21.63
N ASN A 447 -25.33 22.60 22.80
CA ASN A 447 -24.63 22.72 24.07
C ASN A 447 -23.92 21.39 24.35
N ARG A 448 -22.59 21.47 24.50
CA ARG A 448 -21.77 20.26 24.59
C ARG A 448 -22.11 19.43 25.81
N GLU A 449 -22.61 20.07 26.88
CA GLU A 449 -23.06 19.37 28.07
C GLU A 449 -24.52 18.96 27.96
N THR A 450 -25.39 19.93 27.71
CA THR A 450 -26.82 19.68 27.60
C THR A 450 -27.11 18.69 26.47
N LYS A 451 -26.32 18.80 25.40
CA LYS A 451 -26.59 18.07 24.18
C LYS A 451 -27.91 18.53 23.55
N LEU A 452 -28.40 19.67 23.99
CA LEU A 452 -29.59 20.26 23.39
C LEU A 452 -29.13 20.92 22.08
N GLY A 453 -30.04 21.06 21.12
CA GLY A 453 -29.63 21.56 19.82
C GLY A 453 -30.67 22.36 19.07
N LYS A 454 -30.21 23.44 18.45
CA LYS A 454 -31.07 24.28 17.62
C LYS A 454 -30.53 24.37 16.19
N ALA A 455 -31.43 24.23 15.22
CA ALA A 455 -31.06 24.44 13.82
C ALA A 455 -32.08 25.34 13.11
N GLY A 456 -31.59 26.36 12.41
CA GLY A 456 -32.49 27.27 11.74
C GLY A 456 -31.91 27.99 10.52
N TYR A 457 -32.61 29.04 10.08
CA TYR A 457 -32.13 29.86 8.98
C TYR A 457 -32.83 31.21 8.92
N VAL A 458 -32.17 32.15 8.26
CA VAL A 458 -32.74 33.44 7.91
C VAL A 458 -32.53 33.59 6.41
N THR A 459 -33.53 34.09 5.69
CA THR A 459 -33.35 34.35 4.26
C THR A 459 -33.45 35.85 3.95
N ASN A 460 -33.07 36.22 2.73
CA ASN A 460 -33.01 37.62 2.34
C ASN A 460 -34.41 38.12 1.97
N ARG A 461 -35.38 37.23 2.02
CA ARG A 461 -36.77 37.60 1.80
C ARG A 461 -37.50 37.55 3.14
N GLY A 462 -36.75 37.79 4.22
CA GLY A 462 -37.31 37.95 5.55
C GLY A 462 -37.81 36.72 6.29
N ARG A 463 -37.86 35.57 5.61
CA ARG A 463 -38.15 34.33 6.30
C ARG A 463 -37.15 33.93 7.38
N GLN A 464 -37.67 33.23 8.37
CA GLN A 464 -36.85 32.73 9.48
C GLN A 464 -37.47 31.42 9.95
N LYS A 465 -36.77 30.69 10.79
CA LYS A 465 -37.30 29.46 11.35
C LYS A 465 -36.21 28.81 12.15
N VAL A 466 -36.56 28.26 13.31
CA VAL A 466 -35.58 27.53 14.09
C VAL A 466 -36.23 26.42 14.87
N VAL A 467 -35.97 25.20 14.43
CA VAL A 467 -36.44 24.02 15.13
C VAL A 467 -35.48 23.64 16.26
N THR A 468 -35.86 22.61 17.04
CA THR A 468 -35.03 22.16 18.15
C THR A 468 -34.77 20.67 18.09
N LEU A 469 -33.54 20.29 18.42
CA LEU A 469 -33.13 18.90 18.35
C LEU A 469 -32.68 18.47 19.73
N THR A 470 -33.05 17.24 20.12
CA THR A 470 -32.66 16.70 21.41
C THR A 470 -31.48 15.75 21.29
N ASP A 471 -30.47 15.96 22.12
CA ASP A 471 -29.28 15.14 22.07
C ASP A 471 -28.78 15.03 20.63
N THR A 472 -28.22 16.14 20.15
CA THR A 472 -27.58 16.22 18.85
C THR A 472 -26.22 16.87 19.02
N THR A 473 -25.31 16.61 18.08
CA THR A 473 -23.97 17.19 18.14
C THR A 473 -23.88 18.46 17.31
N ASN A 474 -22.85 19.25 17.60
CA ASN A 474 -22.70 20.56 16.99
C ASN A 474 -22.67 20.45 15.47
N GLN A 475 -22.46 19.25 14.95
CA GLN A 475 -22.36 19.07 13.51
C GLN A 475 -23.61 18.45 12.92
N LYS A 476 -24.31 17.64 13.70
CA LYS A 476 -25.61 17.14 13.28
C LYS A 476 -26.53 18.31 12.98
N THR A 477 -26.55 19.31 13.87
CA THR A 477 -27.44 20.45 13.68
C THR A 477 -27.17 21.11 12.35
N GLU A 478 -25.89 21.14 11.97
CA GLU A 478 -25.45 21.93 10.82
C GLU A 478 -25.92 21.32 9.53
N LEU A 479 -26.02 20.00 9.50
CA LEU A 479 -26.71 19.32 8.41
C LEU A 479 -28.24 19.54 8.44
N GLN A 480 -28.79 19.65 9.64
CA GLN A 480 -30.22 19.83 9.81
C GLN A 480 -30.64 21.17 9.23
N ALA A 481 -29.87 22.19 9.55
CA ALA A 481 -30.14 23.54 9.08
C ALA A 481 -30.18 23.55 7.56
N ILE A 482 -29.41 22.65 6.94
CA ILE A 482 -29.32 22.59 5.49
C ILE A 482 -30.47 21.78 4.92
N TYR A 483 -30.74 20.62 5.51
CA TYR A 483 -31.94 19.88 5.18
C TYR A 483 -33.12 20.84 5.24
N LEU A 484 -33.08 21.70 6.26
CA LEU A 484 -34.12 22.69 6.50
C LEU A 484 -34.28 23.62 5.31
N ALA A 485 -33.23 24.38 5.01
CA ALA A 485 -33.22 25.25 3.85
C ALA A 485 -33.70 24.54 2.57
N LEU A 486 -33.50 23.23 2.51
CA LEU A 486 -33.85 22.49 1.30
C LEU A 486 -35.31 22.08 1.30
N GLN A 487 -35.89 21.90 2.47
CA GLN A 487 -37.32 21.59 2.56
C GLN A 487 -38.17 22.81 2.21
N ASP A 488 -37.78 23.94 2.77
CA ASP A 488 -38.60 25.14 2.76
C ASP A 488 -38.26 26.07 1.59
N SER A 489 -37.64 25.55 0.53
CA SER A 489 -37.30 26.41 -0.60
C SER A 489 -37.77 25.80 -1.91
N GLY A 490 -37.69 26.61 -2.96
CA GLY A 490 -38.17 26.17 -4.25
C GLY A 490 -37.18 25.26 -4.94
N LEU A 491 -37.33 25.17 -6.26
CA LEU A 491 -36.49 24.33 -7.08
C LEU A 491 -35.13 24.96 -7.34
N GLU A 492 -34.90 26.16 -6.84
CA GLU A 492 -33.59 26.78 -6.92
C GLU A 492 -33.28 27.57 -5.65
N VAL A 493 -32.12 27.33 -5.06
CA VAL A 493 -31.78 27.95 -3.79
C VAL A 493 -30.30 28.10 -3.56
N ASN A 494 -29.87 29.28 -3.17
CA ASN A 494 -28.54 29.44 -2.64
C ASN A 494 -28.62 29.19 -1.15
N ILE A 495 -27.61 28.53 -0.59
CA ILE A 495 -27.57 28.24 0.83
C ILE A 495 -26.18 28.62 1.34
N VAL A 496 -26.14 29.32 2.47
CA VAL A 496 -24.87 29.76 3.05
C VAL A 496 -24.65 29.10 4.42
N THR A 497 -23.44 28.60 4.67
CA THR A 497 -23.16 27.98 5.96
C THR A 497 -21.76 28.27 6.49
N ASP A 498 -21.57 28.02 7.78
CA ASP A 498 -20.27 28.17 8.43
C ASP A 498 -19.66 26.81 8.73
N SER A 499 -20.42 25.75 8.42
CA SER A 499 -19.93 24.39 8.60
C SER A 499 -19.07 23.91 7.42
N GLN A 500 -17.75 23.89 7.60
CA GLN A 500 -16.85 23.26 6.60
C GLN A 500 -17.18 21.78 6.53
N TYR A 501 -17.61 21.24 7.67
CA TYR A 501 -18.06 19.86 7.75
C TYR A 501 -19.15 19.57 6.74
N ALA A 502 -20.34 20.11 7.01
CA ALA A 502 -21.49 19.96 6.10
C ALA A 502 -21.06 20.23 4.66
N LEU A 503 -20.28 21.30 4.50
CA LEU A 503 -19.75 21.65 3.20
C LEU A 503 -19.11 20.41 2.60
N GLY A 504 -18.00 20.00 3.21
CA GLY A 504 -17.27 18.84 2.71
C GLY A 504 -18.17 17.69 2.31
N ILE A 505 -19.07 17.28 3.20
CA ILE A 505 -19.96 16.18 2.89
C ILE A 505 -20.67 16.42 1.57
N ILE A 506 -21.35 17.55 1.43
CA ILE A 506 -22.29 17.73 0.33
C ILE A 506 -21.57 17.98 -0.98
N GLN A 507 -20.44 18.66 -0.89
CA GLN A 507 -19.68 19.02 -2.08
C GLN A 507 -19.04 17.79 -2.71
N ALA A 508 -19.03 16.68 -1.97
CA ALA A 508 -18.48 15.41 -2.45
C ALA A 508 -19.48 14.71 -3.36
N GLN A 509 -20.68 15.28 -3.45
CA GLN A 509 -21.76 14.67 -4.21
C GLN A 509 -22.13 13.27 -3.76
N PRO A 510 -22.28 13.06 -2.45
CA PRO A 510 -22.69 11.71 -2.01
C PRO A 510 -23.94 11.29 -2.77
N ASP A 511 -24.22 10.00 -2.73
CA ASP A 511 -25.48 9.49 -3.25
C ASP A 511 -25.94 8.31 -2.42
N GLN A 512 -25.12 7.95 -1.44
CA GLN A 512 -25.57 7.14 -0.33
C GLN A 512 -24.78 7.54 0.92
N SER A 513 -25.33 7.30 2.11
CA SER A 513 -24.65 7.63 3.35
C SER A 513 -25.01 6.72 4.52
N GLU A 514 -24.06 6.60 5.43
CA GLU A 514 -24.32 5.92 6.69
C GLU A 514 -25.07 6.87 7.61
N SER A 515 -25.77 7.84 7.03
CA SER A 515 -26.49 8.84 7.80
C SER A 515 -27.90 9.03 7.28
N GLU A 516 -28.87 9.06 8.18
CA GLU A 516 -30.27 9.23 7.81
C GLU A 516 -30.45 10.63 7.22
N LEU A 517 -29.96 11.61 7.98
CA LEU A 517 -30.02 13.00 7.60
C LEU A 517 -29.48 13.19 6.20
N VAL A 518 -28.23 12.75 6.01
CA VAL A 518 -27.52 12.96 4.76
C VAL A 518 -28.26 12.27 3.62
N ASN A 519 -28.91 11.16 3.93
CA ASN A 519 -29.70 10.48 2.90
C ASN A 519 -30.90 11.32 2.49
N GLN A 520 -31.46 12.05 3.44
CA GLN A 520 -32.59 12.93 3.15
C GLN A 520 -32.12 14.20 2.46
N ILE A 521 -31.07 14.82 3.00
CA ILE A 521 -30.44 15.94 2.32
C ILE A 521 -30.18 15.56 0.86
N ILE A 522 -29.91 14.28 0.61
CA ILE A 522 -29.57 13.86 -0.74
C ILE A 522 -30.81 13.86 -1.63
N GLU A 523 -31.84 13.12 -1.21
CA GLU A 523 -33.05 12.98 -2.01
C GLU A 523 -33.66 14.35 -2.35
N GLN A 524 -33.53 15.31 -1.43
CA GLN A 524 -33.91 16.68 -1.73
C GLN A 524 -33.06 17.22 -2.88
N LEU A 525 -31.74 17.26 -2.69
CA LEU A 525 -30.82 17.71 -3.72
C LEU A 525 -31.12 17.09 -5.09
N ILE A 526 -31.63 15.86 -5.07
CA ILE A 526 -32.07 15.20 -6.29
C ILE A 526 -33.27 15.93 -6.90
N LYS A 527 -34.26 16.23 -6.08
CA LYS A 527 -35.50 16.86 -6.52
C LYS A 527 -35.32 18.31 -6.98
N LYS A 528 -34.22 18.94 -6.61
CA LYS A 528 -34.01 20.34 -6.92
C LYS A 528 -33.61 20.53 -8.37
N GLU A 529 -33.28 21.77 -8.74
CA GLU A 529 -33.05 22.10 -10.14
C GLU A 529 -31.70 22.76 -10.27
N LYS A 530 -31.52 23.81 -9.49
CA LYS A 530 -30.20 24.37 -9.27
C LYS A 530 -30.04 24.57 -7.77
N VAL A 531 -28.90 24.17 -7.23
CA VAL A 531 -28.60 24.44 -5.83
C VAL A 531 -27.17 24.94 -5.75
N TYR A 532 -26.99 26.07 -5.10
CA TYR A 532 -25.65 26.61 -4.90
C TYR A 532 -25.30 26.65 -3.42
N LEU A 533 -24.20 26.02 -3.06
CA LEU A 533 -23.82 25.94 -1.67
C LEU A 533 -22.62 26.83 -1.49
N ALA A 534 -22.56 27.55 -0.39
CA ALA A 534 -21.53 28.56 -0.16
C ALA A 534 -21.09 28.53 1.29
N TRP A 535 -19.81 28.76 1.52
CA TRP A 535 -19.29 28.78 2.88
C TRP A 535 -18.80 30.16 3.30
N VAL A 536 -18.95 30.43 4.60
CA VAL A 536 -18.48 31.65 5.22
C VAL A 536 -17.85 31.32 6.57
N PRO A 537 -16.92 32.14 7.04
CA PRO A 537 -16.33 32.00 8.38
C PRO A 537 -17.37 32.33 9.48
N ALA A 538 -17.46 31.46 10.48
CA ALA A 538 -18.35 31.74 11.61
C ALA A 538 -17.80 32.85 12.49
N HIS A 539 -18.70 33.57 13.17
CA HIS A 539 -18.34 34.53 14.21
C HIS A 539 -17.44 35.66 13.72
N LYS A 540 -17.59 36.03 12.46
CA LYS A 540 -16.87 37.17 11.94
C LYS A 540 -17.83 38.33 11.67
N GLY A 541 -19.11 38.07 11.83
CA GLY A 541 -20.11 39.11 11.63
C GLY A 541 -20.41 39.28 10.15
N ILE A 542 -20.19 38.22 9.40
CA ILE A 542 -20.39 38.26 7.97
C ILE A 542 -21.87 38.15 7.63
N GLY A 543 -22.25 38.79 6.52
CA GLY A 543 -23.59 38.64 5.98
C GLY A 543 -24.67 38.34 7.00
N GLY A 544 -25.68 37.61 6.57
CA GLY A 544 -26.73 37.19 7.46
C GLY A 544 -26.26 36.09 8.39
N ASN A 545 -24.95 35.89 8.48
CA ASN A 545 -24.40 34.87 9.35
C ASN A 545 -24.74 35.18 10.80
N GLU A 546 -24.50 36.43 11.20
CA GLU A 546 -24.70 36.82 12.59
C GLU A 546 -26.17 36.70 13.02
N GLN A 547 -27.09 36.96 12.10
CA GLN A 547 -28.51 36.92 12.43
C GLN A 547 -28.95 35.53 12.88
N VAL A 548 -28.91 34.58 11.94
CA VAL A 548 -29.37 33.24 12.24
C VAL A 548 -28.52 32.63 13.36
N ASP A 549 -27.28 33.12 13.47
CA ASP A 549 -26.35 32.66 14.50
C ASP A 549 -26.92 32.98 15.88
N LYS A 550 -27.77 34.00 15.93
CA LYS A 550 -28.39 34.42 17.17
C LYS A 550 -29.70 33.66 17.39
N LEU A 551 -30.41 33.38 16.30
CA LEU A 551 -31.62 32.57 16.38
C LEU A 551 -31.34 31.23 17.05
N VAL A 552 -30.09 30.79 17.01
CA VAL A 552 -29.72 29.51 17.60
C VAL A 552 -28.86 29.63 18.86
N SER A 553 -29.46 29.30 20.00
CA SER A 553 -28.78 29.26 21.30
C SER A 553 -29.81 29.18 22.43
N ILE B 5 39.72 -2.82 -0.19
CA ILE B 5 39.60 -1.60 0.69
C ILE B 5 38.83 -1.96 1.98
N GLU B 6 39.13 -1.25 3.06
CA GLU B 6 38.61 -1.57 4.38
C GLU B 6 37.21 -1.00 4.67
N THR B 7 36.28 -1.86 5.11
CA THR B 7 34.89 -1.45 5.25
C THR B 7 34.58 -0.72 6.57
N VAL B 8 33.92 0.43 6.46
CA VAL B 8 33.44 1.14 7.64
C VAL B 8 32.37 0.31 8.34
N PRO B 9 32.56 0.08 9.65
CA PRO B 9 31.58 -0.68 10.45
C PRO B 9 30.30 0.12 10.60
N VAL B 10 29.17 -0.48 10.24
CA VAL B 10 27.89 0.24 10.31
C VAL B 10 26.99 -0.36 11.37
N LYS B 11 26.43 0.48 12.22
CA LYS B 11 25.48 0.04 13.22
C LYS B 11 24.09 0.61 12.90
N LEU B 12 23.05 -0.20 13.14
CA LEU B 12 21.69 0.31 13.10
C LEU B 12 21.52 1.28 14.25
N LYS B 13 20.30 1.78 14.44
CA LYS B 13 20.00 2.55 15.64
C LYS B 13 19.88 1.59 16.82
N PRO B 14 20.12 2.07 18.04
CA PRO B 14 20.19 1.17 19.19
C PRO B 14 18.87 0.45 19.43
N GLY B 15 18.96 -0.87 19.66
CA GLY B 15 17.78 -1.65 19.99
C GLY B 15 16.94 -2.11 18.82
N MET B 16 16.56 -1.18 17.93
CA MET B 16 15.62 -1.51 16.87
C MET B 16 16.22 -2.42 15.81
N ASP B 17 15.36 -3.22 15.19
CA ASP B 17 15.79 -4.30 14.29
C ASP B 17 15.66 -3.83 12.84
N GLY B 18 16.27 -4.57 11.92
CA GLY B 18 16.18 -4.24 10.52
C GLY B 18 14.77 -4.26 9.94
N PRO B 19 14.64 -3.86 8.67
CA PRO B 19 13.40 -3.75 7.88
C PRO B 19 12.79 -5.09 7.53
N LYS B 20 11.49 -5.24 7.75
CA LYS B 20 10.79 -6.46 7.34
C LYS B 20 9.66 -6.06 6.41
N VAL B 21 9.97 -5.29 5.39
CA VAL B 21 8.91 -4.77 4.53
C VAL B 21 8.67 -5.69 3.35
N LYS B 22 7.43 -6.12 3.17
CA LYS B 22 7.15 -7.11 2.13
C LYS B 22 7.13 -6.48 0.73
N GLN B 23 7.36 -7.31 -0.27
CA GLN B 23 7.53 -6.87 -1.66
C GLN B 23 6.17 -6.70 -2.32
N TRP B 24 5.93 -5.55 -2.96
CA TRP B 24 4.66 -5.34 -3.65
C TRP B 24 4.70 -6.20 -4.90
N PRO B 25 3.53 -6.61 -5.41
CA PRO B 25 3.46 -7.34 -6.68
C PRO B 25 3.92 -6.51 -7.87
N LEU B 26 4.69 -7.13 -8.75
CA LEU B 26 5.28 -6.44 -9.90
C LEU B 26 4.75 -7.04 -11.19
N THR B 27 4.79 -6.28 -12.29
CA THR B 27 4.33 -6.83 -13.56
C THR B 27 5.42 -7.67 -14.24
N GLU B 28 4.98 -8.69 -14.95
CA GLU B 28 5.90 -9.61 -15.60
C GLU B 28 7.06 -8.88 -16.26
N GLU B 29 6.77 -7.78 -16.95
CA GLU B 29 7.84 -7.04 -17.61
C GLU B 29 8.87 -6.51 -16.62
N LYS B 30 8.43 -6.05 -15.45
CA LYS B 30 9.35 -5.49 -14.48
C LYS B 30 10.14 -6.60 -13.80
N ILE B 31 9.53 -7.75 -13.69
CA ILE B 31 10.17 -8.89 -13.05
C ILE B 31 11.30 -9.38 -13.92
N LYS B 32 11.02 -9.62 -15.20
CA LYS B 32 12.05 -10.00 -16.17
C LYS B 32 13.21 -9.03 -16.14
N ALA B 33 12.90 -7.74 -16.22
CA ALA B 33 13.90 -6.70 -16.13
C ALA B 33 14.78 -6.88 -14.91
N LEU B 34 14.15 -7.14 -13.78
CA LEU B 34 14.89 -7.21 -12.53
C LEU B 34 15.76 -8.45 -12.53
N VAL B 35 15.25 -9.54 -13.10
CA VAL B 35 16.02 -10.77 -13.18
C VAL B 35 17.31 -10.57 -13.96
N GLU B 36 17.22 -10.00 -15.15
CA GLU B 36 18.41 -9.68 -15.93
C GLU B 36 19.36 -8.89 -15.04
N ILE B 37 19.00 -7.63 -14.77
CA ILE B 37 19.80 -6.74 -13.96
C ILE B 37 20.51 -7.41 -12.79
N CYS B 38 19.82 -8.32 -12.11
CA CYS B 38 20.36 -8.90 -10.88
C CYS B 38 21.29 -10.05 -11.19
N THR B 39 20.91 -10.86 -12.18
CA THR B 39 21.81 -11.87 -12.69
C THR B 39 23.14 -11.24 -13.05
N GLU B 40 23.09 -10.00 -13.54
CA GLU B 40 24.27 -9.27 -13.96
C GLU B 40 25.11 -8.90 -12.75
N MET B 41 24.51 -8.23 -11.78
CA MET B 41 25.31 -7.68 -10.70
C MET B 41 25.67 -8.74 -9.67
N GLU B 42 25.15 -9.95 -9.86
CA GLU B 42 25.60 -11.06 -9.04
C GLU B 42 26.90 -11.61 -9.61
N LYS B 43 26.93 -11.76 -10.94
CA LYS B 43 28.18 -12.05 -11.62
C LYS B 43 29.22 -11.06 -11.12
N GLU B 44 29.00 -9.78 -11.37
CA GLU B 44 29.94 -8.75 -10.93
C GLU B 44 30.13 -8.77 -9.42
N GLY B 45 29.32 -9.56 -8.72
CA GLY B 45 29.51 -9.74 -7.29
C GLY B 45 29.04 -8.61 -6.39
N LYS B 46 28.13 -7.76 -6.87
CA LYS B 46 27.59 -6.66 -6.08
C LYS B 46 26.60 -7.19 -5.04
N ILE B 47 25.88 -8.25 -5.43
CA ILE B 47 24.91 -8.88 -4.56
C ILE B 47 25.12 -10.39 -4.57
N SER B 48 24.73 -11.06 -3.49
CA SER B 48 24.81 -12.52 -3.46
C SER B 48 23.45 -13.11 -3.06
N LYS B 49 23.14 -14.31 -3.55
CA LYS B 49 21.89 -14.96 -3.19
C LYS B 49 21.89 -15.21 -1.68
N ILE B 50 20.75 -15.08 -1.04
CA ILE B 50 20.68 -15.38 0.38
C ILE B 50 19.62 -16.44 0.71
N GLY B 51 19.74 -17.00 1.92
CA GLY B 51 18.84 -18.04 2.35
C GLY B 51 17.77 -17.56 3.33
N PRO B 52 16.96 -18.49 3.84
CA PRO B 52 15.82 -18.15 4.68
C PRO B 52 16.23 -17.59 6.04
N GLU B 53 17.49 -17.78 6.39
CA GLU B 53 17.98 -17.35 7.69
C GLU B 53 18.07 -15.84 7.76
N ASN B 54 17.85 -15.17 6.62
CA ASN B 54 17.78 -13.71 6.61
C ASN B 54 16.32 -13.32 6.73
N PRO B 55 15.92 -12.78 7.89
CA PRO B 55 14.51 -12.45 8.07
C PRO B 55 14.11 -11.14 7.38
N TYR B 56 15.11 -10.33 7.01
CA TYR B 56 14.86 -8.95 6.66
C TYR B 56 14.45 -8.79 5.20
N ASN B 57 13.91 -7.62 4.85
CA ASN B 57 13.44 -7.38 3.49
C ASN B 57 13.04 -5.93 3.23
N THR B 58 13.34 -5.46 2.02
CA THR B 58 12.83 -4.19 1.56
C THR B 58 12.44 -4.34 0.09
N PRO B 59 11.45 -3.54 -0.36
CA PRO B 59 10.87 -3.65 -1.70
C PRO B 59 11.86 -3.17 -2.77
N VAL B 60 11.78 -3.81 -3.93
CA VAL B 60 12.39 -3.31 -5.14
C VAL B 60 11.40 -3.20 -6.27
N PHE B 61 11.76 -2.40 -7.26
CA PHE B 61 10.99 -2.38 -8.49
C PHE B 61 11.84 -1.77 -9.58
N ALA B 62 11.27 -1.67 -10.78
CA ALA B 62 12.00 -1.17 -11.94
C ALA B 62 11.39 0.13 -12.48
N ILE B 63 12.26 1.03 -12.90
CA ILE B 63 11.85 2.23 -13.57
C ILE B 63 12.55 2.43 -14.92
N LYS B 64 12.39 3.62 -15.51
CA LYS B 64 12.94 3.94 -16.82
C LYS B 64 13.64 5.31 -16.86
N LYS B 65 13.97 5.83 -15.68
CA LYS B 65 14.76 7.06 -15.56
C LYS B 65 14.11 8.23 -16.29
N SER B 68 15.25 8.01 -21.37
CA SER B 68 16.02 6.82 -21.70
C SER B 68 15.19 5.54 -21.58
N THR B 69 15.42 4.59 -22.49
CA THR B 69 14.71 3.31 -22.45
C THR B 69 15.64 2.16 -22.05
N LYS B 70 16.22 2.28 -20.86
CA LYS B 70 16.90 1.16 -20.23
C LYS B 70 16.35 0.98 -18.81
N TRP B 71 15.63 -0.12 -18.58
CA TRP B 71 15.11 -0.44 -17.26
C TRP B 71 16.18 -0.29 -16.22
N ARG B 72 15.93 0.53 -15.20
CA ARG B 72 16.83 0.62 -14.06
C ARG B 72 16.15 -0.08 -12.89
N LYS B 73 16.94 -0.40 -11.87
CA LYS B 73 16.43 -1.09 -10.69
C LYS B 73 16.46 -0.15 -9.50
N LEU B 74 15.33 -0.02 -8.82
CA LEU B 74 15.19 0.94 -7.73
C LEU B 74 14.92 0.17 -6.46
N VAL B 75 15.51 0.59 -5.36
CA VAL B 75 15.25 -0.07 -4.09
C VAL B 75 14.68 0.88 -3.05
N ASP B 76 13.50 0.57 -2.55
CA ASP B 76 12.89 1.35 -1.49
C ASP B 76 13.60 1.12 -0.16
N PHE B 77 14.59 1.96 0.13
CA PHE B 77 15.29 1.88 1.41
C PHE B 77 14.76 2.83 2.48
N ARG B 78 13.53 3.29 2.32
CA ARG B 78 12.96 4.17 3.31
C ARG B 78 13.04 3.58 4.73
N GLU B 79 12.64 2.32 4.89
CA GLU B 79 12.65 1.72 6.22
C GLU B 79 14.05 1.63 6.80
N LEU B 80 14.93 0.90 6.13
CA LEU B 80 16.36 0.88 6.44
C LEU B 80 16.92 2.28 6.76
N ASN B 81 16.62 3.26 5.92
CA ASN B 81 17.14 4.60 6.14
C ASN B 81 16.76 5.14 7.52
N LYS B 82 15.51 4.92 7.92
CA LYS B 82 15.03 5.40 9.21
C LYS B 82 15.63 4.62 10.36
N ARG B 83 15.98 3.38 10.07
CA ARG B 83 16.54 2.50 11.10
C ARG B 83 18.04 2.66 11.24
N THR B 84 18.64 3.48 10.39
CA THR B 84 20.09 3.67 10.42
C THR B 84 20.46 5.12 10.76
N GLN B 85 19.45 5.99 10.79
CA GLN B 85 19.64 7.44 10.61
C GLN B 85 20.39 8.19 11.72
N ASP B 86 20.98 7.44 12.64
CA ASP B 86 21.99 8.04 13.50
C ASP B 86 23.25 8.17 12.67
N PHE B 87 23.48 7.15 11.86
CA PHE B 87 24.70 7.02 11.08
C PHE B 87 24.85 8.10 10.01
N TRP B 88 23.92 8.15 9.06
CA TRP B 88 24.01 9.06 7.94
C TRP B 88 23.67 10.51 8.31
N GLU B 89 23.43 10.75 9.59
CA GLU B 89 23.03 12.08 10.04
C GLU B 89 24.01 12.69 11.04
N VAL B 90 24.41 11.90 12.04
CA VAL B 90 25.11 12.45 13.20
C VAL B 90 26.55 11.95 13.32
N GLN B 91 26.80 10.71 12.89
CA GLN B 91 28.13 10.10 13.03
C GLN B 91 29.04 10.58 11.90
N LEU B 92 28.68 10.23 10.66
CA LEU B 92 29.10 10.99 9.50
C LEU B 92 28.02 12.03 9.23
N GLY B 93 28.06 12.66 8.07
CA GLY B 93 27.03 13.64 7.75
C GLY B 93 27.52 14.60 6.69
N ILE B 94 26.74 14.77 5.62
CA ILE B 94 27.13 15.66 4.55
C ILE B 94 26.42 17.00 4.75
N PRO B 95 27.20 18.04 5.11
CA PRO B 95 26.66 19.38 5.43
C PRO B 95 26.01 20.07 4.23
N HIS B 96 24.90 20.75 4.48
CA HIS B 96 24.20 21.45 3.43
C HIS B 96 24.73 22.88 3.26
N PRO B 97 25.11 23.25 2.02
CA PRO B 97 25.44 24.64 1.63
C PRO B 97 24.24 25.51 1.32
N ALA B 98 24.06 26.57 2.11
CA ALA B 98 22.99 27.52 1.87
C ALA B 98 23.18 28.32 0.58
N GLY B 99 24.35 28.17 -0.04
CA GLY B 99 24.63 28.91 -1.26
C GLY B 99 23.97 28.30 -2.48
N LEU B 100 23.72 27.00 -2.41
CA LEU B 100 23.18 26.26 -3.54
C LEU B 100 21.91 26.89 -4.10
N LYS B 101 20.91 27.16 -3.27
CA LYS B 101 19.67 27.79 -3.74
C LYS B 101 19.90 29.16 -4.38
N LYS B 102 20.99 29.82 -4.02
CA LYS B 102 21.27 31.15 -4.54
C LYS B 102 21.80 31.14 -5.97
N LYS B 103 22.55 30.10 -6.31
CA LYS B 103 23.16 29.97 -7.64
C LYS B 103 22.20 30.13 -8.82
N LYS B 104 22.71 30.69 -9.92
CA LYS B 104 21.90 30.94 -11.11
C LYS B 104 21.51 29.66 -11.80
N SER B 105 22.41 28.68 -11.78
CA SER B 105 22.13 27.40 -12.42
C SER B 105 22.70 26.23 -11.63
N VAL B 106 21.87 25.20 -11.47
CA VAL B 106 22.27 23.99 -10.78
C VAL B 106 22.00 22.77 -11.63
N THR B 107 23.03 21.98 -11.86
CA THR B 107 22.88 20.72 -12.60
C THR B 107 22.95 19.54 -11.64
N VAL B 108 22.04 18.58 -11.83
CA VAL B 108 22.01 17.41 -10.96
C VAL B 108 22.65 16.26 -11.72
N LEU B 109 23.68 15.66 -11.12
CA LEU B 109 24.37 14.50 -11.72
C LEU B 109 24.15 13.24 -10.89
N ASP B 110 23.89 12.13 -11.56
CA ASP B 110 23.81 10.83 -10.89
C ASP B 110 25.20 10.25 -10.65
N VAL B 111 25.58 10.06 -9.40
CA VAL B 111 26.88 9.45 -9.11
C VAL B 111 26.75 8.14 -8.36
N GLY B 112 25.60 7.49 -8.47
CA GLY B 112 25.35 6.29 -7.69
C GLY B 112 26.20 5.10 -8.12
N ASP B 113 26.60 5.06 -9.39
CA ASP B 113 27.42 3.96 -9.86
C ASP B 113 28.73 3.91 -9.09
N ALA B 114 29.07 5.01 -8.43
CA ALA B 114 30.27 5.11 -7.61
C ALA B 114 30.27 4.14 -6.43
N TYR B 115 29.11 3.90 -5.84
CA TYR B 115 29.03 3.13 -4.61
C TYR B 115 29.31 1.66 -4.84
N PHE B 116 29.18 1.23 -6.10
CA PHE B 116 29.27 -0.19 -6.44
C PHE B 116 30.70 -0.72 -6.37
N SER B 117 31.62 0.11 -5.90
CA SER B 117 33.03 -0.24 -5.85
C SER B 117 33.44 -0.47 -4.42
N VAL B 118 32.78 0.22 -3.50
CA VAL B 118 33.09 0.11 -2.10
C VAL B 118 32.31 -1.05 -1.46
N PRO B 119 33.03 -1.99 -0.84
CA PRO B 119 32.46 -3.08 -0.06
C PRO B 119 31.69 -2.58 1.15
N LEU B 120 30.67 -3.34 1.56
CA LEU B 120 29.79 -2.96 2.66
C LEU B 120 30.07 -3.82 3.90
N ASP B 121 30.14 -3.17 5.05
CA ASP B 121 30.32 -3.87 6.32
C ASP B 121 29.63 -5.23 6.28
N GLU B 122 30.42 -6.28 6.50
CA GLU B 122 29.95 -7.66 6.47
C GLU B 122 28.69 -7.87 7.29
N ASP B 123 28.66 -7.30 8.48
CA ASP B 123 27.61 -7.61 9.42
C ASP B 123 26.41 -6.68 9.26
N PHE B 124 26.43 -5.88 8.19
CA PHE B 124 25.31 -5.03 7.88
C PHE B 124 24.55 -5.52 6.67
N ARG B 125 25.19 -6.34 5.86
CA ARG B 125 24.62 -6.76 4.58
C ARG B 125 23.27 -7.44 4.66
N LYS B 126 23.01 -8.12 5.76
CA LYS B 126 21.79 -8.90 5.85
C LYS B 126 20.62 -7.93 5.84
N TYR B 127 20.90 -6.68 6.21
CA TYR B 127 19.87 -5.67 6.32
C TYR B 127 19.43 -5.13 4.98
N THR B 128 20.09 -5.58 3.91
CA THR B 128 19.81 -5.06 2.59
C THR B 128 19.14 -6.12 1.73
N ALA B 129 18.42 -7.03 2.36
CA ALA B 129 17.78 -8.11 1.62
C ALA B 129 16.57 -7.63 0.81
N PHE B 130 16.48 -8.08 -0.43
CA PHE B 130 15.29 -7.88 -1.24
C PHE B 130 14.90 -9.14 -1.96
N THR B 131 13.67 -9.16 -2.46
CA THR B 131 13.09 -10.34 -3.08
C THR B 131 12.56 -9.92 -4.44
N ILE B 132 13.02 -10.58 -5.50
CA ILE B 132 12.34 -10.52 -6.77
C ILE B 132 11.21 -11.54 -6.75
N PRO B 133 9.95 -11.07 -6.72
CA PRO B 133 8.74 -11.89 -6.57
C PRO B 133 8.47 -12.65 -7.84
N SER B 134 7.51 -13.56 -7.77
CA SER B 134 7.10 -14.29 -8.95
C SER B 134 5.61 -14.17 -9.16
N ILE B 135 5.20 -14.28 -10.42
CA ILE B 135 3.82 -14.15 -10.78
C ILE B 135 2.98 -15.33 -10.32
N ASN B 136 1.79 -15.03 -9.82
CA ASN B 136 0.89 -16.05 -9.29
C ASN B 136 1.60 -16.93 -8.29
N ASN B 137 2.60 -16.38 -7.61
CA ASN B 137 3.28 -17.14 -6.58
C ASN B 137 3.70 -18.52 -7.07
N GLU B 138 3.97 -18.62 -8.37
CA GLU B 138 4.36 -19.87 -8.99
C GLU B 138 5.66 -20.47 -8.42
N THR B 139 6.66 -19.63 -8.16
CA THR B 139 7.85 -20.07 -7.45
C THR B 139 8.15 -19.18 -6.27
N PRO B 140 9.07 -19.60 -5.39
CA PRO B 140 9.51 -18.68 -4.34
C PRO B 140 10.30 -17.54 -4.95
N GLY B 141 10.20 -16.36 -4.36
CA GLY B 141 10.96 -15.25 -4.88
C GLY B 141 12.44 -15.57 -4.88
N ILE B 142 13.20 -14.83 -5.68
CA ILE B 142 14.65 -14.92 -5.68
C ILE B 142 15.21 -13.87 -4.70
N ARG B 143 15.96 -14.29 -3.69
CA ARG B 143 16.42 -13.34 -2.68
C ARG B 143 17.91 -13.02 -2.75
N TYR B 144 18.25 -11.78 -2.44
CA TYR B 144 19.61 -11.28 -2.59
C TYR B 144 19.90 -10.32 -1.45
N GLN B 145 21.17 -10.17 -1.11
CA GLN B 145 21.59 -9.03 -0.31
C GLN B 145 22.76 -8.34 -1.00
N TYR B 146 23.13 -7.16 -0.53
CA TYR B 146 24.23 -6.43 -1.13
C TYR B 146 25.59 -6.78 -0.49
N ASN B 147 26.65 -6.71 -1.30
CA ASN B 147 28.00 -6.80 -0.76
C ASN B 147 28.69 -5.44 -0.86
N VAL B 148 28.27 -4.63 -1.83
CA VAL B 148 28.81 -3.29 -2.00
C VAL B 148 27.82 -2.25 -1.47
N LEU B 149 28.26 -0.99 -1.38
CA LEU B 149 27.33 0.08 -0.99
C LEU B 149 26.21 0.15 -1.99
N PRO B 150 24.96 0.08 -1.51
CA PRO B 150 23.76 0.15 -2.36
C PRO B 150 23.29 1.59 -2.64
N GLN B 151 22.89 1.84 -3.88
CA GLN B 151 22.22 3.10 -4.19
C GLN B 151 20.92 3.16 -3.40
N GLY B 152 20.50 4.35 -3.03
CA GLY B 152 19.21 4.50 -2.36
C GLY B 152 19.33 4.50 -0.85
N TRP B 153 20.38 3.88 -0.33
CA TRP B 153 20.65 3.89 1.11
C TRP B 153 21.43 5.10 1.56
N LYS B 154 20.99 5.71 2.65
CA LYS B 154 21.57 6.96 3.09
C LYS B 154 22.96 6.76 3.69
N GLY B 155 23.36 5.52 3.90
CA GLY B 155 24.69 5.24 4.42
C GLY B 155 25.79 5.36 3.36
N SER B 156 25.48 5.02 2.12
CA SER B 156 26.47 4.98 1.05
C SER B 156 27.11 6.34 0.77
N PRO B 157 26.30 7.40 0.71
CA PRO B 157 27.00 8.67 0.48
C PRO B 157 27.75 9.11 1.74
N ALA B 158 27.24 8.71 2.90
CA ALA B 158 27.89 9.03 4.16
C ALA B 158 29.23 8.32 4.30
N ILE B 159 29.26 7.05 3.91
CA ILE B 159 30.47 6.23 3.94
C ILE B 159 31.44 6.59 2.82
N PHE B 160 30.93 7.21 1.75
CA PHE B 160 31.78 7.46 0.61
C PHE B 160 32.24 8.90 0.60
N GLN B 161 31.82 9.67 1.60
CA GLN B 161 32.15 11.08 1.68
C GLN B 161 33.66 11.36 1.54
N SER B 162 34.49 10.58 2.23
CA SER B 162 35.94 10.76 2.19
C SER B 162 36.50 10.57 0.78
N SER B 163 35.94 9.61 0.06
CA SER B 163 36.34 9.39 -1.32
C SER B 163 35.80 10.46 -2.26
N MET B 164 34.62 10.98 -1.96
CA MET B 164 34.01 11.99 -2.83
C MET B 164 34.80 13.29 -2.74
N THR B 165 35.17 13.66 -1.52
CA THR B 165 36.02 14.82 -1.31
C THR B 165 37.33 14.71 -2.08
N LYS B 166 38.06 13.60 -1.87
CA LYS B 166 39.29 13.36 -2.61
C LYS B 166 39.04 13.58 -4.11
N ILE B 167 38.05 12.86 -4.64
CA ILE B 167 37.73 12.93 -6.06
C ILE B 167 37.40 14.32 -6.54
N LEU B 168 36.73 15.11 -5.71
CA LEU B 168 36.26 16.42 -6.18
C LEU B 168 37.24 17.54 -5.86
N GLU B 169 38.24 17.20 -5.06
CA GLU B 169 39.11 18.19 -4.43
C GLU B 169 39.79 19.11 -5.44
N PRO B 170 40.36 18.54 -6.51
CA PRO B 170 41.01 19.38 -7.52
C PRO B 170 40.05 20.32 -8.22
N PHE B 171 38.92 19.79 -8.69
CA PHE B 171 37.94 20.61 -9.40
C PHE B 171 37.46 21.79 -8.55
N ARG B 172 37.30 21.55 -7.25
CA ARG B 172 36.90 22.58 -6.30
C ARG B 172 37.98 23.67 -6.17
N LYS B 173 39.22 23.23 -6.04
CA LYS B 173 40.36 24.14 -5.97
C LYS B 173 40.40 25.03 -7.20
N GLN B 174 40.09 24.47 -8.37
CA GLN B 174 40.18 25.22 -9.63
C GLN B 174 38.98 26.12 -9.90
N ASN B 175 37.87 25.85 -9.22
CA ASN B 175 36.67 26.68 -9.31
C ASN B 175 36.11 26.91 -7.91
N PRO B 176 36.75 27.79 -7.14
CA PRO B 176 36.40 27.93 -5.71
C PRO B 176 35.01 28.58 -5.53
N ASP B 177 34.48 29.14 -6.61
CA ASP B 177 33.19 29.77 -6.58
C ASP B 177 32.09 28.89 -7.14
N ILE B 178 32.32 27.58 -7.14
CA ILE B 178 31.27 26.66 -7.53
C ILE B 178 30.84 25.74 -6.41
N VAL B 179 29.53 25.60 -6.27
CA VAL B 179 28.95 24.83 -5.19
C VAL B 179 28.59 23.42 -5.67
N ILE B 180 29.11 22.45 -4.94
CA ILE B 180 28.85 21.05 -5.20
C ILE B 180 28.29 20.40 -3.94
N TYR B 181 27.07 19.89 -4.04
CA TYR B 181 26.41 19.24 -2.92
C TYR B 181 26.12 17.79 -3.27
N GLN B 182 26.26 16.94 -2.28
CA GLN B 182 25.92 15.54 -2.46
C GLN B 182 24.74 15.16 -1.60
N TYR B 183 23.69 14.66 -2.24
CA TYR B 183 22.54 14.10 -1.52
C TYR B 183 22.19 12.75 -2.11
N MET B 184 22.38 11.70 -1.32
CA MET B 184 22.14 10.33 -1.79
C MET B 184 22.94 9.99 -3.05
N ASP B 185 22.25 9.56 -4.10
CA ASP B 185 22.90 9.13 -5.33
C ASP B 185 23.26 10.31 -6.23
N ASP B 186 22.90 11.52 -5.83
CA ASP B 186 23.12 12.66 -6.70
C ASP B 186 24.15 13.68 -6.23
N LEU B 187 24.80 14.29 -7.21
CA LEU B 187 25.67 15.42 -6.97
C LEU B 187 24.89 16.62 -7.48
N TYR B 188 24.91 17.71 -6.72
CA TYR B 188 24.31 18.95 -7.18
C TYR B 188 25.41 19.98 -7.42
N VAL B 189 25.39 20.59 -8.59
CA VAL B 189 26.44 21.53 -8.95
C VAL B 189 25.86 22.87 -9.35
N GLY B 190 26.19 23.88 -8.55
CA GLY B 190 25.72 25.22 -8.82
C GLY B 190 26.81 26.24 -9.14
N SER B 191 26.58 27.03 -10.18
CA SER B 191 27.43 28.17 -10.45
C SER B 191 26.57 29.34 -10.89
N ASP B 192 27.22 30.50 -11.03
CA ASP B 192 26.55 31.68 -11.56
C ASP B 192 26.92 31.96 -13.02
N LEU B 193 27.66 31.04 -13.65
CA LEU B 193 28.19 31.26 -14.99
C LEU B 193 27.07 31.44 -16.02
N GLU B 194 27.38 32.01 -17.18
CA GLU B 194 26.41 32.02 -18.26
C GLU B 194 26.21 30.55 -18.60
N ILE B 195 25.09 30.23 -19.21
CA ILE B 195 24.68 28.83 -19.31
C ILE B 195 25.61 27.94 -20.12
N GLY B 196 26.14 28.47 -21.22
CA GLY B 196 27.13 27.74 -21.98
C GLY B 196 28.40 27.43 -21.21
N GLN B 197 28.92 28.42 -20.48
CA GLN B 197 30.11 28.22 -19.67
C GLN B 197 29.81 27.22 -18.57
N HIS B 198 28.61 27.33 -18.02
CA HIS B 198 28.16 26.42 -16.97
C HIS B 198 28.22 24.99 -17.50
N ARG B 199 27.54 24.75 -18.62
CA ARG B 199 27.52 23.44 -19.22
C ARG B 199 28.92 22.91 -19.49
N THR B 200 29.81 23.81 -19.89
CA THR B 200 31.20 23.48 -20.09
C THR B 200 31.87 23.05 -18.80
N LYS B 201 31.47 23.69 -17.70
CA LYS B 201 32.09 23.39 -16.42
C LYS B 201 31.63 22.04 -15.91
N ILE B 202 30.40 21.67 -16.26
CA ILE B 202 29.88 20.37 -15.86
C ILE B 202 30.63 19.27 -16.58
N GLU B 203 30.95 19.54 -17.83
CA GLU B 203 31.67 18.57 -18.62
C GLU B 203 33.09 18.35 -18.11
N GLU B 204 33.78 19.41 -17.69
CA GLU B 204 35.06 19.22 -16.99
C GLU B 204 34.86 18.29 -15.82
N LEU B 205 33.79 18.50 -15.08
CA LEU B 205 33.52 17.74 -13.89
C LEU B 205 33.32 16.27 -14.23
N ARG B 206 32.56 16.00 -15.31
CA ARG B 206 32.32 14.62 -15.72
C ARG B 206 33.64 13.90 -15.96
N GLN B 207 34.60 14.59 -16.58
CA GLN B 207 35.88 14.00 -16.87
C GLN B 207 36.64 13.59 -15.62
N HIS B 208 36.65 14.44 -14.59
CA HIS B 208 37.27 14.06 -13.32
C HIS B 208 36.52 12.83 -12.80
N LEU B 209 35.19 12.94 -12.76
CA LEU B 209 34.36 11.85 -12.29
C LEU B 209 34.71 10.60 -13.09
N LEU B 210 34.81 10.77 -14.40
CA LEU B 210 35.12 9.68 -15.32
C LEU B 210 36.39 8.87 -15.01
N ARG B 211 37.38 9.47 -14.36
CA ARG B 211 38.62 8.78 -14.04
C ARG B 211 38.51 7.96 -12.76
N TRP B 212 37.28 7.79 -12.28
CA TRP B 212 37.05 7.02 -11.06
C TRP B 212 35.91 6.03 -11.22
N GLY B 213 35.21 6.12 -12.35
CA GLY B 213 34.11 5.21 -12.63
C GLY B 213 32.74 5.81 -12.40
N LEU B 214 32.58 7.09 -12.73
CA LEU B 214 31.30 7.75 -12.56
C LEU B 214 30.81 8.32 -13.89
N THR B 215 30.38 7.43 -14.79
CA THR B 215 29.99 7.83 -16.14
C THR B 215 28.54 8.30 -16.17
N TYR B 232 19.86 17.18 -15.72
CA TYR B 232 19.07 18.36 -16.06
C TYR B 232 19.44 19.59 -15.21
N GLU B 233 19.00 20.76 -15.67
CA GLU B 233 19.37 22.03 -15.06
C GLU B 233 18.25 22.76 -14.33
N LEU B 234 18.43 22.94 -13.02
CA LEU B 234 17.60 23.82 -12.22
C LEU B 234 18.09 25.25 -12.34
N HIS B 235 17.18 26.20 -12.12
CA HIS B 235 17.55 27.60 -11.98
C HIS B 235 16.88 28.14 -10.72
N PRO B 236 17.51 27.95 -9.56
CA PRO B 236 16.87 28.19 -8.26
C PRO B 236 16.45 29.63 -8.03
N ASP B 237 17.15 30.58 -8.66
CA ASP B 237 16.78 31.99 -8.61
C ASP B 237 15.33 32.17 -9.05
N LYS B 238 14.97 31.56 -10.17
CA LYS B 238 13.63 31.69 -10.72
C LYS B 238 12.62 30.98 -9.84
N TRP B 239 12.96 30.85 -8.56
CA TRP B 239 12.05 30.27 -7.58
C TRP B 239 11.51 31.38 -6.68
N THR B 240 10.19 31.46 -6.62
CA THR B 240 9.51 32.52 -5.88
C THR B 240 8.18 32.01 -5.35
N VAL B 241 7.61 32.75 -4.41
CA VAL B 241 6.35 32.36 -3.79
C VAL B 241 5.24 32.32 -4.81
N GLN B 242 4.34 31.35 -4.64
CA GLN B 242 3.02 31.43 -5.24
C GLN B 242 2.13 32.20 -4.25
N PRO B 243 2.13 33.54 -4.32
CA PRO B 243 1.46 34.31 -3.28
C PRO B 243 -0.04 34.05 -3.29
N ILE B 244 -0.68 34.17 -2.11
CA ILE B 244 -2.13 34.10 -2.06
C ILE B 244 -2.65 35.25 -2.89
N VAL B 245 -3.54 34.92 -3.81
CA VAL B 245 -3.94 35.87 -4.84
C VAL B 245 -5.32 36.46 -4.58
N LEU B 246 -5.36 37.77 -4.41
CA LEU B 246 -6.63 38.45 -4.19
C LEU B 246 -7.20 38.95 -5.50
N PRO B 247 -8.45 38.60 -5.80
CA PRO B 247 -9.01 39.06 -7.08
C PRO B 247 -9.07 40.59 -7.18
N GLU B 248 -8.89 41.08 -8.39
CA GLU B 248 -9.24 42.47 -8.72
C GLU B 248 -10.45 42.39 -9.63
N LYS B 249 -11.50 43.14 -9.30
CA LYS B 249 -12.77 42.94 -9.97
C LYS B 249 -13.51 44.20 -10.38
N ASP B 250 -14.04 44.15 -11.59
CA ASP B 250 -15.01 45.11 -12.10
C ASP B 250 -16.13 45.36 -11.08
N SER B 251 -16.93 44.33 -10.83
CA SER B 251 -17.97 44.39 -9.81
C SER B 251 -17.81 43.30 -8.75
N TRP B 252 -18.12 43.65 -7.50
CA TRP B 252 -18.19 42.65 -6.44
C TRP B 252 -19.64 42.33 -6.07
N THR B 253 -19.98 41.04 -6.12
CA THR B 253 -21.23 40.54 -5.55
C THR B 253 -21.01 40.25 -4.08
N VAL B 254 -22.09 39.99 -3.35
CA VAL B 254 -21.94 39.61 -1.95
C VAL B 254 -21.10 38.34 -1.90
N ASN B 255 -21.48 37.39 -2.75
CA ASN B 255 -20.77 36.13 -2.88
C ASN B 255 -19.28 36.39 -2.98
N ASP B 256 -18.89 37.31 -3.85
CA ASP B 256 -17.48 37.58 -4.10
C ASP B 256 -16.81 38.20 -2.88
N ILE B 257 -17.59 38.92 -2.08
CA ILE B 257 -17.04 39.52 -0.85
C ILE B 257 -16.81 38.44 0.20
N GLN B 258 -17.78 37.54 0.33
CA GLN B 258 -17.72 36.45 1.28
C GLN B 258 -16.55 35.54 0.98
N LYS B 259 -16.33 35.27 -0.30
CA LYS B 259 -15.15 34.54 -0.73
C LYS B 259 -13.94 35.32 -0.25
N LEU B 260 -13.94 36.62 -0.51
CA LEU B 260 -12.81 37.48 -0.17
C LEU B 260 -12.53 37.47 1.34
N VAL B 261 -13.59 37.44 2.14
CA VAL B 261 -13.44 37.39 3.59
C VAL B 261 -12.92 36.03 4.04
N GLY B 262 -13.48 34.97 3.46
CA GLY B 262 -13.02 33.64 3.80
C GLY B 262 -11.52 33.56 3.60
N LYS B 263 -11.08 33.98 2.41
CA LYS B 263 -9.68 33.86 2.01
C LYS B 263 -8.77 34.64 2.94
N LEU B 264 -9.12 35.89 3.21
CA LEU B 264 -8.33 36.73 4.10
C LEU B 264 -8.36 36.19 5.52
N ASN B 265 -9.50 35.60 5.88
CA ASN B 265 -9.67 35.01 7.20
C ASN B 265 -8.72 33.83 7.39
N TRP B 266 -8.46 33.11 6.31
CA TRP B 266 -7.43 32.07 6.27
C TRP B 266 -6.06 32.73 6.39
N ALA B 267 -5.74 33.61 5.44
CA ALA B 267 -4.42 34.20 5.34
C ALA B 267 -3.92 34.77 6.66
N SER B 268 -4.86 35.21 7.51
CA SER B 268 -4.49 35.91 8.74
C SER B 268 -3.92 34.95 9.79
N GLN B 269 -4.13 33.66 9.60
CA GLN B 269 -3.50 32.67 10.46
C GLN B 269 -2.03 32.47 10.09
N ILE B 270 -1.64 32.97 8.92
CA ILE B 270 -0.28 32.81 8.44
C ILE B 270 0.47 34.14 8.53
N TYR B 271 -0.07 35.15 7.85
CA TYR B 271 0.59 36.44 7.78
C TYR B 271 0.09 37.39 8.85
N PRO B 272 1.01 37.94 9.66
CA PRO B 272 0.65 39.03 10.58
C PRO B 272 0.32 40.34 9.87
N GLY B 273 -0.66 41.07 10.42
CA GLY B 273 -1.05 42.33 9.82
C GLY B 273 -2.34 42.23 9.01
N ILE B 274 -2.75 41.01 8.71
CA ILE B 274 -3.91 40.81 7.85
C ILE B 274 -5.14 41.41 8.51
N LYS B 275 -5.90 42.18 7.73
CA LYS B 275 -7.10 42.83 8.23
C LYS B 275 -8.29 42.51 7.33
N VAL B 276 -9.49 42.55 7.91
CA VAL B 276 -10.72 42.11 7.22
C VAL B 276 -11.83 43.12 7.46
N ARG B 277 -11.78 43.79 8.61
CA ARG B 277 -12.89 44.59 9.14
C ARG B 277 -13.57 45.48 8.10
N GLN B 278 -12.77 46.32 7.43
CA GLN B 278 -13.32 47.31 6.52
C GLN B 278 -14.18 46.67 5.44
N LEU B 279 -14.00 45.36 5.23
CA LEU B 279 -14.71 44.67 4.18
C LEU B 279 -15.97 43.97 4.66
N CYS B 280 -15.93 43.42 5.87
CA CYS B 280 -17.09 42.74 6.42
C CYS B 280 -18.21 43.74 6.61
N LYS B 281 -17.82 44.98 6.88
CA LYS B 281 -18.78 46.08 6.99
C LYS B 281 -19.80 45.97 5.86
N LEU B 282 -19.30 45.64 4.66
CA LEU B 282 -20.14 45.56 3.48
C LEU B 282 -21.26 44.53 3.61
N LEU B 283 -21.04 43.52 4.42
CA LEU B 283 -21.96 42.38 4.49
C LEU B 283 -22.83 42.43 5.75
N ARG B 284 -23.62 43.51 5.87
CA ARG B 284 -24.55 43.64 6.98
C ARG B 284 -25.98 43.27 6.58
N GLY B 285 -26.62 42.42 7.37
CA GLY B 285 -27.97 41.99 7.06
C GLY B 285 -27.96 40.72 6.24
N THR B 286 -29.05 40.44 5.54
CA THR B 286 -29.10 39.22 4.75
C THR B 286 -29.35 39.50 3.27
N LYS B 287 -28.28 39.78 2.54
CA LYS B 287 -28.41 40.08 1.12
C LYS B 287 -28.42 38.82 0.27
N ALA B 288 -29.07 38.88 -0.90
CA ALA B 288 -28.94 37.81 -1.87
C ALA B 288 -27.49 37.76 -2.31
N LEU B 289 -27.01 36.57 -2.66
CA LEU B 289 -25.61 36.41 -3.00
C LEU B 289 -25.27 37.16 -4.28
N THR B 290 -26.20 37.16 -5.23
CA THR B 290 -25.95 37.71 -6.56
C THR B 290 -26.14 39.22 -6.63
N GLU B 291 -26.14 39.88 -5.49
CA GLU B 291 -26.36 41.31 -5.45
C GLU B 291 -25.03 42.04 -5.44
N VAL B 292 -24.97 43.17 -6.14
CA VAL B 292 -23.74 43.95 -6.23
C VAL B 292 -23.65 45.02 -5.16
N ILE B 293 -22.63 44.91 -4.32
CA ILE B 293 -22.32 45.95 -3.36
C ILE B 293 -21.09 46.75 -3.80
N PRO B 294 -21.26 48.08 -3.93
CA PRO B 294 -20.15 49.00 -4.22
C PRO B 294 -19.21 49.16 -3.03
N LEU B 295 -17.99 49.64 -3.32
CA LEU B 295 -16.87 49.50 -2.41
C LEU B 295 -16.61 50.71 -1.50
N THR B 296 -16.11 50.43 -0.30
CA THR B 296 -15.68 51.45 0.63
C THR B 296 -14.24 51.91 0.37
N GLU B 297 -13.98 53.18 0.66
CA GLU B 297 -12.67 53.78 0.48
C GLU B 297 -11.68 53.15 1.45
N GLU B 298 -12.20 52.75 2.61
CA GLU B 298 -11.39 52.04 3.59
C GLU B 298 -11.09 50.64 3.10
N ALA B 299 -12.14 49.94 2.66
CA ALA B 299 -12.02 48.55 2.23
C ALA B 299 -10.93 48.40 1.20
N GLU B 300 -10.91 49.32 0.23
CA GLU B 300 -9.99 49.21 -0.90
C GLU B 300 -8.57 49.52 -0.44
N LEU B 301 -8.46 50.26 0.66
CA LEU B 301 -7.16 50.55 1.28
C LEU B 301 -6.66 49.30 2.00
N GLU B 302 -7.57 48.64 2.70
CA GLU B 302 -7.27 47.36 3.36
C GLU B 302 -6.80 46.38 2.30
N LEU B 303 -7.66 46.16 1.32
CA LEU B 303 -7.44 45.17 0.27
C LEU B 303 -6.01 45.23 -0.28
N ALA B 304 -5.49 46.45 -0.44
CA ALA B 304 -4.21 46.65 -1.08
C ALA B 304 -3.07 46.27 -0.14
N GLU B 305 -3.15 46.75 1.09
CA GLU B 305 -2.12 46.48 2.10
C GLU B 305 -2.06 44.99 2.42
N ASN B 306 -3.19 44.30 2.24
CA ASN B 306 -3.22 42.85 2.36
C ASN B 306 -2.38 42.24 1.24
N ARG B 307 -2.58 42.73 0.03
CA ARG B 307 -1.79 42.29 -1.12
C ARG B 307 -0.30 42.52 -0.83
N GLU B 308 0.01 43.63 -0.18
CA GLU B 308 1.36 43.93 0.25
C GLU B 308 1.89 42.75 1.07
N ILE B 309 1.09 42.35 2.06
CA ILE B 309 1.51 41.32 2.98
C ILE B 309 1.66 39.98 2.27
N LEU B 310 0.63 39.62 1.50
CA LEU B 310 0.57 38.31 0.86
C LEU B 310 1.75 38.09 -0.09
N LYS B 311 2.26 39.19 -0.64
CA LYS B 311 3.39 39.13 -1.57
C LYS B 311 4.63 38.64 -0.82
N GLU B 312 4.75 39.02 0.44
CA GLU B 312 5.97 38.86 1.20
C GLU B 312 6.08 37.53 1.95
N PRO B 313 7.30 37.06 2.17
CA PRO B 313 7.52 35.85 2.98
C PRO B 313 7.04 36.04 4.41
N VAL B 314 6.48 34.98 5.00
CA VAL B 314 5.93 35.08 6.34
C VAL B 314 6.99 35.60 7.31
N HIS B 315 6.65 36.65 8.04
CA HIS B 315 7.50 37.10 9.12
C HIS B 315 7.36 36.10 10.25
N GLY B 316 8.49 35.70 10.82
CA GLY B 316 8.47 34.90 12.03
C GLY B 316 8.57 33.42 11.77
N VAL B 317 8.57 33.02 10.50
CA VAL B 317 8.66 31.59 10.16
C VAL B 317 10.06 31.18 9.74
N TYR B 318 10.63 30.21 10.45
CA TYR B 318 12.02 29.83 10.24
C TYR B 318 12.24 28.33 10.18
N TYR B 319 13.28 27.91 9.46
CA TYR B 319 13.56 26.50 9.28
C TYR B 319 14.25 25.91 10.49
N ASP B 320 13.69 24.83 11.00
CA ASP B 320 14.25 24.13 12.14
C ASP B 320 14.85 22.81 11.67
N PRO B 321 16.18 22.75 11.57
CA PRO B 321 16.84 21.56 11.03
C PRO B 321 16.54 20.29 11.82
N SER B 322 16.02 20.45 13.02
CA SER B 322 15.73 19.28 13.86
C SER B 322 14.34 18.75 13.57
N LYS B 323 13.64 19.38 12.64
CA LYS B 323 12.23 19.05 12.43
C LYS B 323 11.95 18.60 11.01
N ASP B 324 10.97 17.71 10.88
CA ASP B 324 10.56 17.21 9.58
C ASP B 324 9.93 18.29 8.71
N LEU B 325 10.23 18.24 7.41
CA LEU B 325 9.52 19.06 6.44
C LEU B 325 8.26 18.34 5.96
N ILE B 326 7.17 19.09 5.88
CA ILE B 326 5.89 18.56 5.38
C ILE B 326 5.56 19.25 4.06
N ALA B 327 5.07 18.50 3.09
CA ALA B 327 4.53 19.15 1.88
C ALA B 327 3.09 18.72 1.61
N GLU B 328 2.23 19.71 1.28
CA GLU B 328 0.86 19.43 0.88
C GLU B 328 0.59 19.91 -0.54
N ILE B 329 -0.17 19.10 -1.27
CA ILE B 329 -0.46 19.34 -2.67
C ILE B 329 -1.97 19.38 -2.86
N GLN B 330 -2.48 20.43 -3.49
CA GLN B 330 -3.88 20.40 -3.90
C GLN B 330 -4.00 20.30 -5.42
N LYS B 331 -4.93 19.47 -5.88
CA LYS B 331 -5.33 19.46 -7.27
C LYS B 331 -6.19 20.69 -7.55
N GLN B 332 -5.75 21.52 -8.49
CA GLN B 332 -6.48 22.74 -8.85
C GLN B 332 -7.32 22.56 -10.12
N GLY B 333 -7.25 21.39 -10.73
CA GLY B 333 -7.89 21.17 -12.01
C GLY B 333 -7.04 21.75 -13.13
N GLN B 334 -7.37 21.41 -14.37
CA GLN B 334 -6.67 21.96 -15.54
C GLN B 334 -5.17 21.67 -15.53
N GLY B 335 -4.79 20.52 -15.00
CA GLY B 335 -3.39 20.18 -14.90
C GLY B 335 -2.58 21.13 -14.02
N GLN B 336 -3.24 21.79 -13.08
CA GLN B 336 -2.56 22.70 -12.16
C GLN B 336 -2.53 22.11 -10.76
N TRP B 337 -1.44 22.38 -10.06
CA TRP B 337 -1.22 21.77 -8.76
C TRP B 337 -0.55 22.77 -7.87
N THR B 338 -1.14 23.01 -6.71
CA THR B 338 -0.54 23.93 -5.77
C THR B 338 0.08 23.14 -4.61
N TYR B 339 1.13 23.68 -4.01
CA TYR B 339 1.75 23.00 -2.87
C TYR B 339 2.34 23.99 -1.86
N GLN B 340 2.38 23.58 -0.59
CA GLN B 340 3.08 24.36 0.40
C GLN B 340 3.99 23.43 1.20
N ILE B 341 5.10 24.00 1.67
CA ILE B 341 6.06 23.29 2.49
C ILE B 341 6.16 24.04 3.81
N TYR B 342 6.21 23.31 4.91
CA TYR B 342 6.19 23.92 6.23
C TYR B 342 6.50 22.86 7.25
N GLN B 343 6.84 23.27 8.46
CA GLN B 343 7.09 22.31 9.53
C GLN B 343 6.00 22.36 10.60
N GLU B 344 5.58 23.56 10.97
CA GLU B 344 4.38 23.72 11.79
C GLU B 344 3.24 24.24 10.91
N PRO B 345 2.08 23.56 10.95
CA PRO B 345 1.01 23.89 9.98
C PRO B 345 0.68 25.37 9.88
N PHE B 346 0.68 25.86 8.64
CA PHE B 346 0.38 27.25 8.31
C PHE B 346 1.58 28.19 8.38
N LYS B 347 2.62 27.79 9.10
CA LYS B 347 3.90 28.51 9.01
C LYS B 347 4.63 28.07 7.73
N ASN B 348 4.24 28.63 6.58
CA ASN B 348 4.76 28.15 5.31
C ASN B 348 6.16 28.64 5.00
N LEU B 349 7.08 27.69 4.85
CA LEU B 349 8.45 27.97 4.43
C LEU B 349 8.51 28.29 2.95
N LYS B 350 7.59 27.72 2.17
CA LYS B 350 7.43 28.14 0.79
C LYS B 350 6.21 27.47 0.15
N THR B 351 5.76 28.06 -0.96
CA THR B 351 4.56 27.62 -1.65
C THR B 351 4.76 27.82 -3.16
N GLY B 352 4.07 27.05 -3.98
CA GLY B 352 4.26 27.18 -5.41
C GLY B 352 3.18 26.48 -6.17
N LYS B 353 3.32 26.46 -7.49
CA LYS B 353 2.42 25.71 -8.35
C LYS B 353 3.26 24.91 -9.33
N TYR B 354 2.66 23.85 -9.88
CA TYR B 354 3.31 23.04 -10.90
C TYR B 354 2.26 22.75 -11.97
N ALA B 355 2.66 22.76 -13.24
CA ALA B 355 1.68 22.66 -14.33
C ALA B 355 2.02 21.75 -15.51
N ARG B 356 0.99 21.37 -16.25
CA ARG B 356 1.12 20.68 -17.53
C ARG B 356 2.06 19.49 -17.42
N HIS B 361 0.48 14.09 -19.77
CA HIS B 361 -0.78 13.43 -20.08
C HIS B 361 -1.80 13.80 -19.04
N THR B 362 -3.07 13.94 -19.48
CA THR B 362 -4.21 14.09 -18.56
C THR B 362 -4.41 12.81 -17.74
N ASN B 363 -3.29 12.35 -17.18
CA ASN B 363 -3.27 11.36 -16.13
C ASN B 363 -3.06 12.12 -14.82
N ASP B 364 -4.04 12.03 -13.91
CA ASP B 364 -3.92 12.72 -12.64
C ASP B 364 -2.72 12.24 -11.84
N VAL B 365 -2.44 10.94 -11.95
CA VAL B 365 -1.44 10.31 -11.11
C VAL B 365 -0.07 10.60 -11.70
N LYS B 366 0.02 10.62 -13.02
CA LYS B 366 1.28 10.98 -13.65
C LYS B 366 1.73 12.38 -13.20
N GLN B 367 0.83 13.34 -13.29
CA GLN B 367 1.12 14.73 -12.95
C GLN B 367 1.56 14.86 -11.49
N LEU B 368 0.86 14.15 -10.61
CA LEU B 368 1.08 14.23 -9.17
C LEU B 368 2.48 13.70 -8.84
N THR B 369 2.78 12.54 -9.41
CA THR B 369 4.10 11.96 -9.38
C THR B 369 5.19 12.93 -9.81
N GLU B 370 4.96 13.62 -10.92
CA GLU B 370 5.89 14.65 -11.40
C GLU B 370 6.07 15.77 -10.40
N ALA B 371 4.97 16.17 -9.73
CA ALA B 371 5.02 17.30 -8.83
C ALA B 371 5.78 16.91 -7.57
N VAL B 372 5.54 15.68 -7.11
CA VAL B 372 6.23 15.19 -5.93
C VAL B 372 7.74 15.22 -6.15
N GLN B 373 8.18 14.80 -7.33
CA GLN B 373 9.61 14.83 -7.64
C GLN B 373 10.11 16.24 -7.72
N LYS B 374 9.41 17.10 -8.44
CA LYS B 374 9.85 18.47 -8.53
C LYS B 374 9.98 19.09 -7.15
N ILE B 375 8.92 19.00 -6.34
CA ILE B 375 8.93 19.56 -4.99
C ILE B 375 10.06 18.97 -4.15
N THR B 376 10.27 17.66 -4.27
CA THR B 376 11.33 17.03 -3.50
C THR B 376 12.70 17.57 -3.89
N THR B 377 12.93 17.68 -5.19
CA THR B 377 14.13 18.31 -5.75
C THR B 377 14.40 19.71 -5.18
N GLU B 378 13.42 20.60 -5.24
CA GLU B 378 13.58 21.94 -4.68
C GLU B 378 13.88 21.83 -3.21
N SER B 379 13.14 20.95 -2.55
CA SER B 379 13.31 20.76 -1.12
C SER B 379 14.75 20.36 -0.78
N ILE B 380 15.37 19.52 -1.61
CA ILE B 380 16.74 19.07 -1.32
C ILE B 380 17.71 20.21 -1.51
N VAL B 381 17.47 21.03 -2.53
CA VAL B 381 18.36 22.13 -2.82
C VAL B 381 18.34 23.18 -1.73
N ILE B 382 17.17 23.42 -1.16
CA ILE B 382 17.05 24.47 -0.17
C ILE B 382 17.43 23.99 1.21
N TRP B 383 17.01 22.78 1.59
CA TRP B 383 17.22 22.34 2.97
C TRP B 383 18.04 21.06 3.17
N GLY B 384 18.43 20.40 2.08
CA GLY B 384 19.09 19.11 2.24
C GLY B 384 18.18 18.03 2.82
N LYS B 385 16.87 18.24 2.73
CA LYS B 385 15.89 17.33 3.32
C LYS B 385 14.82 17.01 2.29
N THR B 386 14.29 15.79 2.32
CA THR B 386 13.03 15.52 1.63
C THR B 386 11.87 15.67 2.62
N PRO B 387 10.75 16.24 2.16
CA PRO B 387 9.53 16.40 2.95
C PRO B 387 8.72 15.12 2.99
N LYS B 388 7.90 14.95 4.02
CA LYS B 388 6.89 13.89 4.02
C LYS B 388 5.70 14.49 3.31
N PHE B 389 5.19 13.80 2.30
CA PHE B 389 4.12 14.39 1.49
C PHE B 389 2.73 13.99 1.96
N LYS B 390 1.82 14.96 1.93
CA LYS B 390 0.42 14.67 2.13
C LYS B 390 -0.29 14.70 0.80
N LEU B 391 -0.65 13.51 0.30
CA LEU B 391 -1.12 13.36 -1.07
C LEU B 391 -2.62 13.22 -1.18
N PRO B 392 -3.25 14.07 -2.02
CA PRO B 392 -4.68 14.13 -2.28
C PRO B 392 -5.14 13.02 -3.20
N ILE B 393 -5.14 11.79 -2.69
CA ILE B 393 -5.45 10.65 -3.52
C ILE B 393 -5.69 9.43 -2.64
N GLN B 394 -6.52 8.50 -3.11
CA GLN B 394 -6.75 7.24 -2.42
C GLN B 394 -5.46 6.43 -2.36
N LYS B 395 -5.11 6.03 -1.14
CA LYS B 395 -3.91 5.24 -0.88
C LYS B 395 -3.67 4.14 -1.93
N GLU B 396 -4.74 3.40 -2.25
CA GLU B 396 -4.64 2.24 -3.14
C GLU B 396 -4.40 2.63 -4.59
N THR B 397 -5.09 3.67 -5.05
CA THR B 397 -4.87 4.21 -6.39
C THR B 397 -3.40 4.59 -6.56
N TRP B 398 -2.92 5.44 -5.66
CA TRP B 398 -1.52 5.89 -5.70
C TRP B 398 -0.54 4.72 -5.66
N GLU B 399 -0.87 3.69 -4.87
CA GLU B 399 0.06 2.59 -4.65
C GLU B 399 0.14 1.66 -5.84
N THR B 400 -0.97 1.49 -6.55
CA THR B 400 -0.94 0.78 -7.83
C THR B 400 -0.02 1.45 -8.86
N TRP B 401 -0.11 2.77 -8.99
CA TRP B 401 0.41 3.43 -10.19
C TRP B 401 1.73 4.24 -10.13
N TRP B 402 2.15 4.68 -8.95
CA TRP B 402 3.17 5.73 -8.90
C TRP B 402 4.47 5.26 -9.50
N THR B 403 4.70 3.96 -9.42
CA THR B 403 5.93 3.37 -9.97
C THR B 403 6.04 3.41 -11.49
N GLU B 404 4.93 3.68 -12.18
CA GLU B 404 4.96 3.82 -13.64
C GLU B 404 5.59 5.13 -14.09
N TYR B 405 5.62 6.13 -13.21
CA TYR B 405 6.10 7.45 -13.61
C TYR B 405 7.29 7.90 -12.77
N TRP B 406 7.52 7.25 -11.65
CA TRP B 406 8.66 7.60 -10.81
C TRP B 406 9.96 7.35 -11.57
N GLN B 407 10.74 8.39 -11.77
CA GLN B 407 12.01 8.23 -12.45
C GLN B 407 13.09 8.96 -11.67
N ALA B 408 12.94 9.00 -10.35
CA ALA B 408 13.96 9.53 -9.45
C ALA B 408 14.61 8.41 -8.64
N THR B 409 15.75 8.70 -8.03
CA THR B 409 16.53 7.66 -7.39
C THR B 409 16.25 7.48 -5.90
N TRP B 410 15.78 8.55 -5.26
CA TRP B 410 15.22 8.48 -3.90
C TRP B 410 13.70 8.28 -3.90
N ILE B 411 13.14 7.94 -2.75
CA ILE B 411 11.69 7.92 -2.58
C ILE B 411 11.33 8.58 -1.28
N PRO B 412 10.60 9.70 -1.33
CA PRO B 412 10.18 10.41 -0.12
C PRO B 412 9.14 9.63 0.68
N GLU B 413 8.83 10.10 1.87
CA GLU B 413 7.76 9.51 2.65
C GLU B 413 6.43 10.15 2.32
N TRP B 414 5.38 9.33 2.30
CA TRP B 414 4.06 9.87 2.05
C TRP B 414 2.95 9.25 2.86
N GLU B 415 1.93 10.05 3.09
CA GLU B 415 0.69 9.58 3.69
C GLU B 415 -0.43 10.16 2.83
N PHE B 416 -1.65 9.70 3.06
CA PHE B 416 -2.75 10.06 2.18
C PHE B 416 -3.84 10.84 2.87
N VAL B 417 -4.34 11.86 2.19
CA VAL B 417 -5.13 12.87 2.85
C VAL B 417 -6.25 13.32 1.93
N ASN B 418 -7.44 13.50 2.49
CA ASN B 418 -8.50 14.19 1.79
C ASN B 418 -8.27 15.69 1.89
N THR B 419 -8.24 16.38 0.76
CA THR B 419 -8.11 17.83 0.81
C THR B 419 -9.38 18.49 1.34
N PRO B 420 -9.26 19.25 2.43
CA PRO B 420 -10.36 20.09 2.91
C PRO B 420 -10.70 21.08 1.81
N PRO B 421 -11.98 21.12 1.41
CA PRO B 421 -12.52 21.88 0.27
C PRO B 421 -12.14 23.36 0.29
N LEU B 422 -11.81 23.84 1.48
CA LEU B 422 -11.51 25.25 1.64
C LEU B 422 -10.03 25.55 1.40
N VAL B 423 -9.17 24.72 1.99
CA VAL B 423 -7.74 24.79 1.70
C VAL B 423 -7.47 24.91 0.19
N LYS B 424 -8.07 24.03 -0.60
CA LYS B 424 -7.87 23.99 -2.05
C LYS B 424 -8.09 25.35 -2.71
N LEU B 425 -9.20 25.99 -2.37
CA LEU B 425 -9.62 27.23 -3.01
C LEU B 425 -8.78 28.43 -2.57
N TRP B 426 -8.30 28.40 -1.33
CA TRP B 426 -7.59 29.54 -0.78
C TRP B 426 -6.22 29.70 -1.44
N TYR B 427 -5.74 28.62 -2.07
CA TYR B 427 -4.52 28.66 -2.84
C TYR B 427 -4.80 28.69 -4.35
N GLN B 428 -6.08 28.79 -4.72
CA GLN B 428 -6.45 28.92 -6.12
C GLN B 428 -5.63 30.03 -6.73
N LEU B 429 -5.60 30.09 -8.05
CA LEU B 429 -4.82 31.10 -8.76
C LEU B 429 -5.75 32.04 -9.52
C1 KRP C . -4.15 -28.84 -14.53
C2 KRP C . -3.68 -30.27 -14.19
C4 KRP C . -3.66 -27.76 -13.50
N5 KRP C . -2.22 -27.19 -13.80
C6 KRP C . -1.06 -27.43 -12.90
C7 KRP C . -1.38 -28.32 -11.67
O8 KRP C . -1.60 -29.50 -11.88
C9 KRP C . -1.47 -27.79 -10.20
C10 KRP C . -1.83 -28.70 -9.12
C11 KRP C . -1.93 -28.19 -7.77
C12 KRP C . -2.29 -29.03 -6.71
N13 KRP C . -2.64 -29.71 -5.85
C14 KRP C . -1.66 -26.81 -7.46
C15 KRP C . -1.30 -25.89 -8.51
C16 KRP C . -1.02 -24.43 -8.20
C17 KRP C . -1.21 -26.37 -9.87
C18 KRP C . 0.23 -26.90 -13.22
C19 KRP C . 1.53 -27.11 -12.34
C20 KRP C . 2.12 -25.75 -11.84
C21 KRP C . 2.62 -27.87 -13.17
C22 KRP C . 0.24 -26.05 -14.53
O23 KRP C . 1.24 -25.51 -14.96
N24 KRP C . -0.89 -25.89 -15.26
C25 KRP C . -2.10 -26.42 -14.92
O26 KRP C . -3.06 -26.18 -15.70
S SO4 D . -34.26 37.03 -4.88
O1 SO4 D . -34.44 36.58 -3.48
O2 SO4 D . -33.99 38.48 -4.90
O3 SO4 D . -35.47 36.72 -5.66
O4 SO4 D . -33.10 36.35 -5.50
S SO4 E . -38.86 31.36 -6.44
O1 SO4 E . -37.83 30.31 -6.62
O2 SO4 E . -39.72 30.99 -5.29
O3 SO4 E . -39.67 31.44 -7.66
O4 SO4 E . -38.18 32.64 -6.18
S SO4 F . -33.12 41.19 -0.99
O1 SO4 F . -33.92 40.03 -1.41
O2 SO4 F . -33.87 42.43 -1.29
O3 SO4 F . -31.84 41.20 -1.73
O4 SO4 F . -32.85 41.11 0.45
S SO4 G . -28.04 10.29 11.54
O1 SO4 G . -28.79 10.72 12.73
O2 SO4 G . -28.24 11.29 10.46
O3 SO4 G . -28.54 8.98 11.08
O4 SO4 G . -26.61 10.19 11.86
S SO4 H . 13.37 25.30 -12.87
O1 SO4 H . 13.79 25.64 -14.25
O2 SO4 H . 11.98 25.78 -12.65
O3 SO4 H . 13.44 23.84 -12.68
O4 SO4 H . 14.27 25.95 -11.90
#